data_2K9O
#
_entry.id   2K9O
#
_entity_poly.entity_id   1
_entity_poly.type   'polypeptide(L)'
_entity_poly.pdbx_seq_one_letter_code
;AAAISCVGSPECPPKCRAQGCKNGKCMNRKCKCYYC
;
_entity_poly.pdbx_strand_id   A
#
# COMPACT_ATOMS: atom_id res chain seq x y z
N ALA A 1 -0.25 9.78 8.75
CA ALA A 1 0.43 8.46 8.77
C ALA A 1 -0.36 7.42 7.98
N ALA A 2 0.34 6.47 7.35
CA ALA A 2 -0.28 5.28 6.76
C ALA A 2 0.70 4.08 6.73
N ALA A 3 0.23 2.90 6.32
CA ALA A 3 0.93 1.64 6.55
C ALA A 3 2.16 1.29 5.70
N ILE A 4 2.42 2.02 4.62
CA ILE A 4 3.61 1.86 3.78
C ILE A 4 4.06 3.18 3.14
N SER A 5 5.29 3.21 2.64
CA SER A 5 5.78 4.26 1.75
C SER A 5 5.37 3.92 0.31
N CYS A 6 4.54 4.77 -0.29
CA CYS A 6 3.98 4.55 -1.63
C CYS A 6 5.08 4.57 -2.71
N VAL A 7 6.07 5.44 -2.55
CA VAL A 7 7.20 5.71 -3.46
C VAL A 7 8.16 4.55 -3.79
N GLY A 8 8.14 3.47 -3.03
CA GLY A 8 9.14 2.40 -3.06
C GLY A 8 9.51 1.85 -4.45
N SER A 9 8.63 1.01 -5.00
CA SER A 9 8.77 0.43 -6.34
C SER A 9 7.39 0.17 -6.96
N PRO A 10 6.52 -0.67 -6.36
CA PRO A 10 5.11 -0.73 -6.73
C PRO A 10 4.35 0.42 -6.05
N GLU A 11 3.09 0.67 -6.40
CA GLU A 11 2.26 1.65 -5.69
C GLU A 11 1.98 1.19 -4.23
N CYS A 12 1.17 0.15 -4.01
CA CYS A 12 0.71 -0.15 -2.64
C CYS A 12 0.40 -1.63 -2.29
N PRO A 13 -0.67 -2.27 -2.81
CA PRO A 13 -1.11 -3.56 -2.31
C PRO A 13 -0.06 -4.69 -2.25
N PRO A 14 0.88 -4.86 -3.20
CA PRO A 14 1.92 -5.90 -3.14
C PRO A 14 3.09 -5.57 -2.18
N LYS A 15 3.05 -4.38 -1.54
CA LYS A 15 4.03 -3.91 -0.55
C LYS A 15 3.52 -4.04 0.91
N CYS A 16 2.19 -4.08 1.11
CA CYS A 16 1.59 -4.27 2.44
C CYS A 16 1.82 -5.69 3.02
N ARG A 17 1.95 -6.70 2.14
CA ARG A 17 2.34 -8.10 2.40
C ARG A 17 2.84 -8.77 1.12
N ALA A 18 3.50 -9.92 1.27
CA ALA A 18 4.19 -10.65 0.19
C ALA A 18 3.27 -11.12 -0.95
N GLN A 19 2.15 -11.74 -0.62
CA GLN A 19 1.11 -12.17 -1.57
C GLN A 19 0.16 -11.04 -2.02
N GLY A 20 0.39 -9.83 -1.50
CA GLY A 20 -0.38 -8.62 -1.74
C GLY A 20 -1.75 -8.55 -1.06
N CYS A 21 -2.12 -7.34 -0.65
CA CYS A 21 -3.47 -7.03 -0.18
C CYS A 21 -4.47 -6.93 -1.33
N LYS A 22 -5.77 -6.99 -0.99
CA LYS A 22 -6.88 -7.03 -1.94
C LYS A 22 -6.99 -5.72 -2.73
N ASN A 23 -6.91 -4.57 -2.05
CA ASN A 23 -6.79 -3.23 -2.65
C ASN A 23 -6.03 -2.26 -1.70
N GLY A 24 -5.81 -1.02 -2.10
CA GLY A 24 -5.29 0.07 -1.28
C GLY A 24 -5.54 1.46 -1.90
N LYS A 25 -5.24 2.52 -1.15
CA LYS A 25 -5.36 3.93 -1.58
C LYS A 25 -4.18 4.77 -1.08
N CYS A 26 -3.45 5.35 -2.02
CA CYS A 26 -2.29 6.20 -1.82
C CYS A 26 -2.64 7.66 -2.14
N MET A 27 -2.42 8.58 -1.18
CA MET A 27 -2.77 10.00 -1.33
C MET A 27 -1.52 10.85 -1.58
N ASN A 28 -0.58 10.87 -0.63
CA ASN A 28 0.69 11.58 -0.74
C ASN A 28 1.79 10.82 0.02
N ARG A 29 2.77 10.28 -0.73
CA ARG A 29 3.85 9.32 -0.35
C ARG A 29 3.46 8.09 0.48
N LYS A 30 2.22 7.94 0.91
CA LYS A 30 1.79 6.93 1.89
C LYS A 30 0.53 6.21 1.40
N CYS A 31 0.18 5.06 1.99
CA CYS A 31 -0.99 4.30 1.57
C CYS A 31 -1.69 3.54 2.71
N LYS A 32 -3.02 3.44 2.63
CA LYS A 32 -3.89 2.59 3.46
C LYS A 32 -4.31 1.36 2.65
N CYS A 33 -4.18 0.15 3.21
CA CYS A 33 -4.52 -1.11 2.55
C CYS A 33 -5.92 -1.62 2.97
N TYR A 34 -6.71 -2.10 2.01
CA TYR A 34 -8.14 -2.41 2.16
C TYR A 34 -8.48 -3.89 1.98
N TYR A 35 -9.59 -4.28 2.60
CA TYR A 35 -10.16 -5.64 2.61
C TYR A 35 -9.12 -6.72 2.98
N CYS A 36 -8.13 -6.37 3.82
CA CYS A 36 -6.91 -7.15 4.07
C CYS A 36 -6.51 -7.17 5.54
N ALA A 1 -2.49 -4.17 7.71
CA ALA A 1 -1.35 -3.51 7.03
C ALA A 1 -0.97 -2.21 7.76
N ALA A 2 -0.20 -1.30 7.13
CA ALA A 2 0.29 -0.06 7.72
C ALA A 2 0.33 1.02 6.63
N ALA A 3 0.50 2.30 6.99
CA ALA A 3 0.73 3.31 5.96
C ALA A 3 2.17 3.27 5.47
N ILE A 4 2.31 2.96 4.19
CA ILE A 4 3.57 2.75 3.47
C ILE A 4 3.95 3.94 2.57
N SER A 5 5.19 3.93 2.08
CA SER A 5 5.65 4.85 1.03
C SER A 5 5.12 4.41 -0.33
N CYS A 6 4.14 5.12 -0.88
CA CYS A 6 3.59 4.87 -2.23
C CYS A 6 4.71 4.89 -3.30
N VAL A 7 5.59 5.89 -3.19
CA VAL A 7 6.78 6.13 -4.02
C VAL A 7 7.81 4.99 -4.12
N GLY A 8 7.80 4.07 -3.15
CA GLY A 8 8.82 3.04 -2.92
C GLY A 8 9.41 2.36 -4.16
N SER A 9 8.76 1.27 -4.57
CA SER A 9 9.20 0.49 -5.74
C SER A 9 7.94 0.07 -6.53
N PRO A 10 7.07 -0.80 -6.01
CA PRO A 10 5.72 -1.02 -6.56
C PRO A 10 4.79 0.12 -6.11
N GLU A 11 3.50 0.10 -6.47
CA GLU A 11 2.53 1.09 -5.99
C GLU A 11 2.12 0.84 -4.52
N CYS A 12 1.17 -0.07 -4.23
CA CYS A 12 0.58 -0.18 -2.89
C CYS A 12 0.29 -1.60 -2.37
N PRO A 13 -0.69 -2.36 -2.91
CA PRO A 13 -1.08 -3.65 -2.33
C PRO A 13 0.04 -4.69 -2.13
N PRO A 14 1.08 -4.82 -2.98
CA PRO A 14 2.19 -5.76 -2.76
C PRO A 14 3.24 -5.25 -1.75
N LYS A 15 3.13 -3.99 -1.30
CA LYS A 15 4.01 -3.35 -0.29
C LYS A 15 3.34 -3.25 1.08
N CYS A 16 2.00 -3.19 1.12
CA CYS A 16 1.21 -3.22 2.35
C CYS A 16 1.43 -4.51 3.17
N ARG A 17 1.70 -5.66 2.51
CA ARG A 17 2.06 -6.96 3.11
C ARG A 17 2.92 -7.82 2.18
N ALA A 18 3.37 -8.98 2.66
CA ALA A 18 4.25 -9.89 1.93
C ALA A 18 3.62 -10.52 0.65
N GLN A 19 2.35 -10.93 0.74
CA GLN A 19 1.61 -11.73 -0.26
C GLN A 19 0.46 -10.99 -0.99
N GLY A 20 0.40 -9.68 -0.81
CA GLY A 20 -0.50 -8.74 -1.50
C GLY A 20 -1.85 -8.49 -0.81
N CYS A 21 -2.17 -7.21 -0.55
CA CYS A 21 -3.46 -6.78 -0.02
C CYS A 21 -4.58 -6.76 -1.08
N LYS A 22 -5.83 -6.64 -0.61
CA LYS A 22 -7.07 -6.67 -1.43
C LYS A 22 -7.21 -5.47 -2.37
N ASN A 23 -7.10 -4.25 -1.85
CA ASN A 23 -6.99 -3.00 -2.62
C ASN A 23 -6.10 -1.97 -1.88
N GLY A 24 -5.78 -0.83 -2.50
CA GLY A 24 -5.06 0.27 -1.87
C GLY A 24 -5.31 1.63 -2.54
N LYS A 25 -4.99 2.72 -1.84
CA LYS A 25 -5.18 4.11 -2.33
C LYS A 25 -4.05 5.04 -1.87
N CYS A 26 -3.46 5.78 -2.82
CA CYS A 26 -2.26 6.61 -2.64
C CYS A 26 -2.58 8.09 -2.38
N MET A 27 -1.93 8.65 -1.35
CA MET A 27 -2.02 10.04 -0.90
C MET A 27 -0.96 10.90 -1.63
N ASN A 28 -0.42 11.96 -1.01
CA ASN A 28 0.64 12.79 -1.63
C ASN A 28 1.95 12.01 -1.86
N ARG A 29 2.30 11.10 -0.93
CA ARG A 29 3.32 10.05 -1.07
C ARG A 29 3.09 8.81 -0.21
N LYS A 30 2.12 8.83 0.71
CA LYS A 30 1.75 7.67 1.54
C LYS A 30 0.72 6.78 0.83
N CYS A 31 0.50 5.57 1.31
CA CYS A 31 -0.58 4.70 0.82
C CYS A 31 -1.22 3.88 1.94
N LYS A 32 -2.54 3.65 1.85
CA LYS A 32 -3.30 2.76 2.75
C LYS A 32 -4.00 1.65 1.97
N CYS A 33 -4.02 0.45 2.54
CA CYS A 33 -4.79 -0.71 2.08
C CYS A 33 -5.99 -0.95 3.01
N TYR A 34 -7.21 -0.66 2.52
CA TYR A 34 -8.44 -0.57 3.31
C TYR A 34 -8.80 -1.85 4.09
N TYR A 35 -9.18 -2.93 3.40
CA TYR A 35 -9.76 -4.16 3.97
C TYR A 35 -8.74 -5.24 4.35
N CYS A 36 -7.49 -4.83 4.62
CA CYS A 36 -6.34 -5.70 4.79
C CYS A 36 -5.79 -5.67 6.22
N ALA A 1 2.35 -1.50 8.86
CA ALA A 1 1.85 -1.50 7.46
C ALA A 1 1.11 -0.21 7.13
N ALA A 2 1.00 0.12 5.83
CA ALA A 2 0.36 1.30 5.21
C ALA A 2 1.03 2.66 5.50
N ALA A 3 1.76 2.75 6.62
CA ALA A 3 2.65 3.84 7.00
C ALA A 3 4.00 3.74 6.25
N ILE A 4 3.94 3.89 4.92
CA ILE A 4 5.03 3.66 3.97
C ILE A 4 5.12 4.80 2.96
N SER A 5 6.26 4.89 2.28
CA SER A 5 6.43 5.79 1.14
C SER A 5 5.75 5.18 -0.10
N CYS A 6 4.82 5.93 -0.69
CA CYS A 6 4.17 5.55 -1.95
C CYS A 6 5.14 5.52 -3.15
N VAL A 7 6.17 6.39 -3.20
CA VAL A 7 7.13 6.40 -4.33
C VAL A 7 7.86 5.07 -4.51
N GLY A 8 8.25 4.47 -3.38
CA GLY A 8 8.81 3.13 -3.19
C GLY A 8 9.29 2.42 -4.46
N SER A 9 8.56 1.35 -4.80
CA SER A 9 8.69 0.63 -6.08
C SER A 9 7.29 0.41 -6.65
N PRO A 10 6.35 -0.19 -5.88
CA PRO A 10 4.92 -0.14 -6.13
C PRO A 10 4.32 1.02 -5.30
N GLU A 11 3.03 1.32 -5.49
CA GLU A 11 2.33 2.34 -4.68
C GLU A 11 1.95 1.86 -3.28
N CYS A 12 0.91 1.01 -3.15
CA CYS A 12 0.30 0.71 -1.86
C CYS A 12 0.03 -0.79 -1.58
N PRO A 13 -0.98 -1.45 -2.19
CA PRO A 13 -1.42 -2.78 -1.77
C PRO A 13 -0.34 -3.90 -1.79
N PRO A 14 0.58 -4.02 -2.77
CA PRO A 14 1.57 -5.10 -2.75
C PRO A 14 2.71 -4.83 -1.74
N LYS A 15 2.80 -3.60 -1.21
CA LYS A 15 3.74 -3.20 -0.15
C LYS A 15 3.10 -3.27 1.26
N CYS A 16 1.92 -3.88 1.38
CA CYS A 16 1.09 -3.86 2.60
C CYS A 16 0.97 -5.20 3.37
N ARG A 17 1.24 -6.35 2.74
CA ARG A 17 1.28 -7.67 3.37
C ARG A 17 2.07 -8.70 2.56
N ALA A 18 2.46 -9.79 3.21
CA ALA A 18 3.42 -10.80 2.74
C ALA A 18 3.06 -11.48 1.40
N GLN A 19 1.80 -11.87 1.25
CA GLN A 19 1.23 -12.58 0.10
C GLN A 19 0.53 -11.65 -0.92
N GLY A 20 0.57 -10.34 -0.64
CA GLY A 20 -0.12 -9.27 -1.35
C GLY A 20 -1.58 -9.07 -0.92
N CYS A 21 -2.07 -7.85 -1.15
CA CYS A 21 -3.34 -7.34 -0.65
C CYS A 21 -4.41 -7.28 -1.75
N LYS A 22 -5.67 -7.41 -1.33
CA LYS A 22 -6.85 -7.40 -2.23
C LYS A 22 -7.01 -6.05 -2.93
N ASN A 23 -7.07 -4.95 -2.19
CA ASN A 23 -7.00 -3.60 -2.77
C ASN A 23 -6.52 -2.54 -1.74
N GLY A 24 -5.99 -1.43 -2.27
CA GLY A 24 -5.48 -0.27 -1.53
C GLY A 24 -5.21 0.89 -2.46
N LYS A 25 -5.08 2.10 -1.91
CA LYS A 25 -4.81 3.33 -2.66
C LYS A 25 -3.72 4.18 -2.02
N CYS A 26 -3.00 4.92 -2.87
CA CYS A 26 -1.99 5.90 -2.46
C CYS A 26 -2.56 7.32 -2.45
N MET A 27 -2.30 8.03 -1.35
CA MET A 27 -2.66 9.43 -1.11
C MET A 27 -1.39 10.27 -0.98
N ASN A 28 -1.07 11.05 -2.02
CA ASN A 28 0.11 11.91 -2.19
C ASN A 28 1.44 11.15 -2.05
N ARG A 29 1.85 10.77 -0.83
CA ARG A 29 3.10 10.07 -0.53
C ARG A 29 2.93 8.85 0.36
N LYS A 30 1.69 8.51 0.75
CA LYS A 30 1.38 7.49 1.78
C LYS A 30 0.30 6.51 1.30
N CYS A 31 0.03 5.43 2.04
CA CYS A 31 -0.84 4.32 1.61
C CYS A 31 -2.01 4.05 2.58
N LYS A 32 -3.10 3.48 2.06
CA LYS A 32 -4.23 2.91 2.81
C LYS A 32 -4.73 1.63 2.14
N CYS A 33 -4.80 0.54 2.89
CA CYS A 33 -5.16 -0.81 2.42
C CYS A 33 -6.61 -1.12 2.82
N TYR A 34 -7.51 -1.13 1.84
CA TYR A 34 -8.96 -1.11 2.09
C TYR A 34 -9.56 -2.38 2.70
N TYR A 35 -9.36 -3.54 2.07
CA TYR A 35 -10.10 -4.78 2.37
C TYR A 35 -9.23 -5.96 2.83
N CYS A 36 -7.96 -5.73 3.15
CA CYS A 36 -6.96 -6.78 3.33
C CYS A 36 -5.87 -6.40 4.34
N ALA A 1 0.39 -3.62 7.36
CA ALA A 1 1.15 -2.36 7.29
C ALA A 1 0.42 -1.29 6.49
N ALA A 2 0.67 -0.03 6.83
CA ALA A 2 0.15 1.18 6.20
C ALA A 2 1.17 2.33 6.36
N ALA A 3 0.90 3.49 5.77
CA ALA A 3 1.75 4.69 5.91
C ALA A 3 3.24 4.49 5.52
N ILE A 4 3.42 3.62 4.55
CA ILE A 4 4.66 3.28 3.85
C ILE A 4 5.00 4.33 2.80
N SER A 5 6.23 4.32 2.31
CA SER A 5 6.63 5.12 1.15
C SER A 5 5.89 4.66 -0.10
N CYS A 6 5.02 5.51 -0.64
CA CYS A 6 4.32 5.28 -1.90
C CYS A 6 5.27 5.17 -3.11
N VAL A 7 6.38 5.92 -3.12
CA VAL A 7 7.36 5.91 -4.23
C VAL A 7 8.06 4.56 -4.40
N GLY A 8 8.32 3.87 -3.28
CA GLY A 8 8.98 2.57 -3.14
C GLY A 8 9.26 1.83 -4.44
N SER A 9 8.26 1.05 -4.87
CA SER A 9 8.23 0.46 -6.22
C SER A 9 6.76 0.36 -6.66
N PRO A 10 5.93 -0.51 -6.05
CA PRO A 10 4.48 -0.44 -6.21
C PRO A 10 3.98 0.78 -5.42
N GLU A 11 2.75 1.22 -5.65
CA GLU A 11 2.15 2.31 -4.86
C GLU A 11 1.77 1.88 -3.45
N CYS A 12 0.77 0.98 -3.30
CA CYS A 12 0.16 0.71 -2.00
C CYS A 12 -0.21 -0.75 -1.72
N PRO A 13 -1.22 -1.37 -2.38
CA PRO A 13 -1.76 -2.67 -1.96
C PRO A 13 -0.75 -3.84 -1.81
N PRO A 14 0.19 -4.09 -2.75
CA PRO A 14 1.12 -5.22 -2.63
C PRO A 14 2.28 -4.95 -1.66
N LYS A 15 2.42 -3.70 -1.21
CA LYS A 15 3.37 -3.27 -0.16
C LYS A 15 2.70 -3.21 1.23
N CYS A 16 1.36 -3.31 1.31
CA CYS A 16 0.61 -3.19 2.57
C CYS A 16 0.61 -4.49 3.42
N ARG A 17 0.86 -5.65 2.82
CA ARG A 17 1.20 -6.91 3.48
C ARG A 17 2.18 -7.74 2.62
N ALA A 18 2.85 -8.70 3.23
CA ALA A 18 4.02 -9.45 2.74
C ALA A 18 4.04 -9.72 1.22
N GLN A 19 3.03 -10.43 0.71
CA GLN A 19 2.89 -10.75 -0.72
C GLN A 19 1.66 -10.09 -1.38
N GLY A 20 1.08 -9.07 -0.75
CA GLY A 20 -0.20 -8.47 -1.16
C GLY A 20 -1.40 -9.40 -1.01
N CYS A 21 -2.59 -8.83 -1.11
CA CYS A 21 -3.86 -9.53 -0.98
C CYS A 21 -5.01 -8.80 -1.71
N LYS A 22 -5.44 -7.63 -1.22
CA LYS A 22 -6.54 -6.83 -1.77
C LYS A 22 -6.21 -5.32 -1.85
N ASN A 23 -7.17 -4.50 -2.27
CA ASN A 23 -6.98 -3.10 -2.66
C ASN A 23 -6.41 -2.16 -1.59
N GLY A 24 -5.85 -1.05 -2.06
CA GLY A 24 -5.31 0.06 -1.31
C GLY A 24 -5.09 1.28 -2.22
N LYS A 25 -4.93 2.46 -1.63
CA LYS A 25 -4.72 3.72 -2.34
C LYS A 25 -3.59 4.55 -1.73
N CYS A 26 -2.80 5.17 -2.61
CA CYS A 26 -1.83 6.21 -2.30
C CYS A 26 -2.36 7.59 -2.70
N MET A 27 -1.99 8.62 -1.92
CA MET A 27 -2.37 10.01 -2.18
C MET A 27 -1.18 10.81 -2.75
N ASN A 28 -0.03 10.78 -2.09
CA ASN A 28 1.26 11.32 -2.57
C ASN A 28 2.45 10.48 -2.07
N ARG A 29 2.75 10.48 -0.76
CA ARG A 29 3.85 9.73 -0.14
C ARG A 29 3.42 8.51 0.68
N LYS A 30 2.14 8.41 1.03
CA LYS A 30 1.59 7.45 2.01
C LYS A 30 0.46 6.61 1.42
N CYS A 31 0.03 5.58 2.16
CA CYS A 31 -0.88 4.52 1.70
C CYS A 31 -1.91 4.11 2.77
N LYS A 32 -3.14 3.80 2.31
CA LYS A 32 -4.29 3.23 3.02
C LYS A 32 -4.67 1.90 2.36
N CYS A 33 -4.82 0.82 3.13
CA CYS A 33 -5.25 -0.50 2.64
C CYS A 33 -6.68 -0.83 3.13
N TYR A 34 -7.47 -1.57 2.33
CA TYR A 34 -8.92 -1.68 2.55
C TYR A 34 -9.50 -3.02 3.05
N TYR A 35 -9.24 -4.13 2.35
CA TYR A 35 -10.00 -5.39 2.49
C TYR A 35 -9.27 -6.61 3.06
N CYS A 36 -7.95 -6.53 3.30
CA CYS A 36 -7.16 -7.67 3.79
C CYS A 36 -6.15 -7.31 4.88
N ALA A 1 -1.92 -2.14 7.61
CA ALA A 1 -0.62 -1.58 7.24
C ALA A 1 -0.77 -0.49 6.20
N ALA A 2 -0.05 0.62 6.36
CA ALA A 2 -0.02 1.78 5.45
C ALA A 2 1.28 2.59 5.51
N ALA A 3 2.09 2.41 6.57
CA ALA A 3 3.31 3.14 6.87
C ALA A 3 4.50 2.72 6.00
N ILE A 4 4.39 2.99 4.70
CA ILE A 4 5.42 2.88 3.67
C ILE A 4 5.34 4.07 2.70
N SER A 5 6.47 4.44 2.10
CA SER A 5 6.52 5.40 0.99
C SER A 5 5.71 4.84 -0.18
N CYS A 6 4.62 5.51 -0.54
CA CYS A 6 3.65 4.96 -1.49
C CYS A 6 4.20 4.81 -2.91
N VAL A 7 5.31 5.46 -3.27
CA VAL A 7 6.00 5.17 -4.54
C VAL A 7 6.63 3.78 -4.56
N GLY A 8 7.29 3.40 -3.46
CA GLY A 8 8.15 2.22 -3.31
C GLY A 8 8.68 1.61 -4.60
N SER A 9 8.25 0.38 -4.90
CA SER A 9 8.56 -0.29 -6.18
C SER A 9 7.30 -0.60 -7.01
N PRO A 10 6.36 -1.47 -6.54
CA PRO A 10 5.04 -1.66 -7.16
C PRO A 10 4.09 -0.48 -6.90
N GLU A 11 2.80 -0.58 -7.26
CA GLU A 11 1.82 0.52 -7.07
C GLU A 11 1.36 0.70 -5.61
N CYS A 12 0.60 -0.20 -4.98
CA CYS A 12 0.31 -0.13 -3.53
C CYS A 12 -0.09 -1.47 -2.86
N PRO A 13 -1.18 -2.17 -3.25
CA PRO A 13 -1.62 -3.39 -2.56
C PRO A 13 -0.57 -4.50 -2.33
N PRO A 14 0.34 -4.83 -3.27
CA PRO A 14 1.37 -5.86 -3.05
C PRO A 14 2.47 -5.44 -2.06
N LYS A 15 2.61 -4.15 -1.75
CA LYS A 15 3.59 -3.65 -0.75
C LYS A 15 3.00 -3.42 0.65
N CYS A 16 1.67 -3.44 0.84
CA CYS A 16 1.04 -3.27 2.16
C CYS A 16 1.55 -4.29 3.20
N ARG A 17 1.79 -5.55 2.81
CA ARG A 17 2.32 -6.65 3.64
C ARG A 17 3.41 -7.42 2.86
N ALA A 18 4.12 -8.35 3.50
CA ALA A 18 5.07 -9.26 2.84
C ALA A 18 4.43 -10.13 1.73
N GLN A 19 3.12 -10.35 1.80
CA GLN A 19 2.26 -11.00 0.78
C GLN A 19 1.21 -10.06 0.18
N GLY A 20 1.15 -8.81 0.63
CA GLY A 20 0.20 -7.78 0.21
C GLY A 20 -1.28 -7.99 0.58
N CYS A 21 -2.14 -7.29 -0.15
CA CYS A 21 -3.57 -7.08 0.16
C CYS A 21 -4.46 -7.00 -1.10
N LYS A 22 -5.79 -6.94 -0.92
CA LYS A 22 -6.81 -6.84 -2.00
C LYS A 22 -6.58 -5.66 -2.96
N ASN A 23 -6.75 -4.43 -2.46
CA ASN A 23 -6.52 -3.19 -3.20
C ASN A 23 -6.11 -2.04 -2.24
N GLY A 24 -5.55 -0.96 -2.76
CA GLY A 24 -5.03 0.18 -2.02
C GLY A 24 -4.64 1.39 -2.89
N LYS A 25 -4.38 2.54 -2.26
CA LYS A 25 -4.18 3.85 -2.93
C LYS A 25 -3.24 4.76 -2.10
N CYS A 26 -2.66 5.80 -2.72
CA CYS A 26 -1.85 6.77 -1.99
C CYS A 26 -2.70 7.88 -1.32
N MET A 27 -2.31 8.29 -0.11
CA MET A 27 -2.84 9.45 0.61
C MET A 27 -1.70 10.15 1.40
N ASN A 28 -1.38 11.41 1.07
CA ASN A 28 -0.22 12.16 1.58
C ASN A 28 1.10 11.32 1.49
N ARG A 29 1.23 10.64 0.35
CA ARG A 29 2.16 9.57 -0.09
C ARG A 29 2.40 8.39 0.86
N LYS A 30 1.41 8.02 1.66
CA LYS A 30 1.36 6.76 2.43
C LYS A 30 0.38 5.78 1.77
N CYS A 31 0.58 4.46 1.89
CA CYS A 31 -0.14 3.46 1.08
C CYS A 31 -1.36 2.87 1.83
N LYS A 32 -2.49 3.57 1.80
CA LYS A 32 -3.76 3.16 2.40
C LYS A 32 -4.33 1.95 1.64
N CYS A 33 -4.27 0.76 2.22
CA CYS A 33 -4.98 -0.41 1.72
C CYS A 33 -6.47 -0.30 2.09
N TYR A 34 -7.39 -0.61 1.17
CA TYR A 34 -8.84 -0.34 1.33
C TYR A 34 -9.61 -1.41 2.12
N TYR A 35 -9.27 -2.68 1.91
CA TYR A 35 -10.01 -3.86 2.39
C TYR A 35 -9.12 -4.93 3.05
N CYS A 36 -7.95 -4.53 3.57
CA CYS A 36 -6.92 -5.38 4.16
C CYS A 36 -5.92 -4.55 5.00
N ALA A 1 1.09 -3.10 7.08
CA ALA A 1 1.39 -1.68 7.36
C ALA A 1 1.10 -0.82 6.14
N ALA A 2 0.33 0.26 6.31
CA ALA A 2 0.02 1.25 5.27
C ALA A 2 0.85 2.54 5.40
N ALA A 3 1.55 2.70 6.53
CA ALA A 3 2.50 3.78 6.88
C ALA A 3 3.81 3.78 6.06
N ILE A 4 3.75 3.27 4.84
CA ILE A 4 4.86 2.96 3.94
C ILE A 4 5.01 4.03 2.89
N SER A 5 6.16 4.03 2.19
CA SER A 5 6.40 4.94 1.07
C SER A 5 5.80 4.40 -0.22
N CYS A 6 4.73 5.05 -0.68
CA CYS A 6 4.07 4.77 -1.95
C CYS A 6 4.96 5.07 -3.19
N VAL A 7 5.91 6.00 -3.04
CA VAL A 7 6.93 6.32 -4.05
C VAL A 7 7.98 5.21 -4.27
N GLY A 8 7.95 4.17 -3.45
CA GLY A 8 8.91 3.09 -3.36
C GLY A 8 9.13 2.33 -4.67
N SER A 9 8.17 1.49 -5.05
CA SER A 9 8.14 0.86 -6.38
C SER A 9 6.70 0.58 -6.80
N PRO A 10 5.93 -0.22 -6.03
CA PRO A 10 4.49 -0.33 -6.19
C PRO A 10 3.80 0.80 -5.40
N GLU A 11 2.53 1.09 -5.72
CA GLU A 11 1.71 2.07 -5.01
C GLU A 11 1.47 1.67 -3.54
N CYS A 12 0.71 0.59 -3.29
CA CYS A 12 0.21 0.30 -1.94
C CYS A 12 -0.02 -1.20 -1.62
N PRO A 13 -1.00 -1.91 -2.22
CA PRO A 13 -1.40 -3.26 -1.78
C PRO A 13 -0.30 -4.33 -1.67
N PRO A 14 0.64 -4.50 -2.63
CA PRO A 14 1.67 -5.55 -2.55
C PRO A 14 2.81 -5.21 -1.57
N LYS A 15 2.94 -3.93 -1.16
CA LYS A 15 3.90 -3.44 -0.17
C LYS A 15 3.30 -3.40 1.26
N CYS A 16 1.99 -3.57 1.37
CA CYS A 16 1.26 -3.52 2.64
C CYS A 16 1.52 -4.76 3.53
N ARG A 17 1.86 -5.90 2.91
CA ARG A 17 2.30 -7.17 3.51
C ARG A 17 2.93 -8.10 2.47
N ALA A 18 3.59 -9.16 2.92
CA ALA A 18 4.34 -10.08 2.07
C ALA A 18 3.54 -10.74 0.93
N GLN A 19 2.38 -11.34 1.22
CA GLN A 19 1.48 -11.92 0.19
C GLN A 19 0.59 -10.88 -0.51
N GLY A 20 0.72 -9.60 -0.13
CA GLY A 20 -0.08 -8.49 -0.60
C GLY A 20 -1.51 -8.43 -0.04
N CYS A 21 -2.08 -7.24 -0.16
CA CYS A 21 -3.49 -6.93 0.07
C CYS A 21 -4.28 -6.99 -1.24
N LYS A 22 -5.61 -7.09 -1.14
CA LYS A 22 -6.54 -7.11 -2.28
C LYS A 22 -6.44 -5.83 -3.14
N ASN A 23 -6.56 -4.67 -2.51
CA ASN A 23 -6.49 -3.35 -3.15
C ASN A 23 -6.23 -2.23 -2.12
N GLY A 24 -5.89 -1.04 -2.59
CA GLY A 24 -5.62 0.15 -1.78
C GLY A 24 -5.54 1.43 -2.61
N LYS A 25 -5.02 2.50 -2.00
CA LYS A 25 -4.74 3.78 -2.67
C LYS A 25 -3.54 4.53 -2.07
N CYS A 26 -3.04 5.55 -2.77
CA CYS A 26 -1.96 6.43 -2.31
C CYS A 26 -2.34 7.93 -2.33
N MET A 27 -2.43 8.55 -1.15
CA MET A 27 -3.01 9.90 -1.00
C MET A 27 -2.00 11.05 -1.20
N ASN A 28 -0.70 10.78 -1.07
CA ASN A 28 0.41 11.66 -1.45
C ASN A 28 1.68 10.83 -1.68
N ARG A 29 2.40 10.45 -0.61
CA ARG A 29 3.50 9.47 -0.57
C ARG A 29 3.23 8.33 0.42
N LYS A 30 2.04 8.29 1.05
CA LYS A 30 1.59 7.25 2.00
C LYS A 30 0.38 6.47 1.48
N CYS A 31 0.19 5.25 1.97
CA CYS A 31 -0.75 4.24 1.49
C CYS A 31 -1.94 4.02 2.43
N LYS A 32 -3.02 3.44 1.89
CA LYS A 32 -4.22 2.98 2.59
C LYS A 32 -4.69 1.64 2.02
N CYS A 33 -4.77 0.60 2.84
CA CYS A 33 -5.09 -0.78 2.44
C CYS A 33 -6.60 -1.04 2.66
N TYR A 34 -7.38 -1.15 1.58
CA TYR A 34 -8.86 -1.08 1.62
C TYR A 34 -9.64 -2.23 2.29
N TYR A 35 -9.40 -3.49 1.90
CA TYR A 35 -10.27 -4.64 2.23
C TYR A 35 -9.53 -5.90 2.72
N CYS A 36 -8.49 -5.74 3.54
CA CYS A 36 -7.58 -6.81 3.91
C CYS A 36 -6.98 -6.66 5.32
N ALA A 1 -3.34 -3.56 6.84
CA ALA A 1 -3.03 -2.17 6.44
C ALA A 1 -1.70 -1.74 7.06
N ALA A 2 -0.81 -1.12 6.29
CA ALA A 2 0.48 -0.60 6.77
C ALA A 2 0.81 0.74 6.09
N ALA A 3 1.42 1.69 6.80
CA ALA A 3 1.72 3.01 6.28
C ALA A 3 3.09 3.03 5.60
N ILE A 4 3.09 2.69 4.32
CA ILE A 4 4.31 2.48 3.54
C ILE A 4 4.59 3.65 2.61
N SER A 5 5.87 3.76 2.23
CA SER A 5 6.32 4.65 1.18
C SER A 5 5.77 4.20 -0.18
N CYS A 6 4.84 4.98 -0.73
CA CYS A 6 4.27 4.73 -2.06
C CYS A 6 5.32 4.79 -3.19
N VAL A 7 6.36 5.61 -3.02
CA VAL A 7 7.34 5.97 -4.06
C VAL A 7 8.16 4.81 -4.64
N GLY A 8 8.31 3.72 -3.87
CA GLY A 8 9.20 2.58 -4.10
C GLY A 8 9.21 1.96 -5.50
N SER A 9 8.53 0.82 -5.63
CA SER A 9 8.46 0.05 -6.87
C SER A 9 7.00 -0.12 -7.29
N PRO A 10 6.15 -0.80 -6.49
CA PRO A 10 4.70 -0.74 -6.64
C PRO A 10 4.16 0.50 -5.91
N GLU A 11 2.85 0.76 -6.02
CA GLU A 11 2.18 1.82 -5.26
C GLU A 11 1.90 1.39 -3.80
N CYS A 12 0.77 0.71 -3.56
CA CYS A 12 0.23 0.49 -2.21
C CYS A 12 -0.03 -0.98 -1.83
N PRO A 13 -1.07 -1.68 -2.36
CA PRO A 13 -1.48 -2.99 -1.84
C PRO A 13 -0.41 -4.09 -1.84
N PRO A 14 0.44 -4.30 -2.86
CA PRO A 14 1.44 -5.36 -2.84
C PRO A 14 2.63 -5.02 -1.92
N LYS A 15 2.70 -3.79 -1.37
CA LYS A 15 3.72 -3.36 -0.40
C LYS A 15 3.20 -3.35 1.05
N CYS A 16 1.89 -3.56 1.29
CA CYS A 16 1.29 -3.60 2.64
C CYS A 16 1.65 -4.85 3.46
N ARG A 17 1.98 -5.98 2.80
CA ARG A 17 2.44 -7.27 3.36
C ARG A 17 3.41 -7.95 2.39
N ALA A 18 4.02 -9.08 2.76
CA ALA A 18 4.74 -9.92 1.80
C ALA A 18 3.79 -10.45 0.71
N GLN A 19 2.59 -10.89 1.10
CA GLN A 19 1.52 -11.34 0.19
C GLN A 19 0.58 -10.21 -0.28
N GLY A 20 0.87 -8.98 0.15
CA GLY A 20 0.05 -7.79 -0.05
C GLY A 20 -1.40 -7.86 0.40
N CYS A 21 -2.25 -7.06 -0.23
CA CYS A 21 -3.63 -6.78 0.19
C CYS A 21 -4.61 -6.65 -0.98
N LYS A 22 -5.91 -6.80 -0.67
CA LYS A 22 -7.00 -6.86 -1.67
C LYS A 22 -7.07 -5.61 -2.56
N ASN A 23 -6.95 -4.41 -1.97
CA ASN A 23 -6.76 -3.14 -2.69
C ASN A 23 -6.06 -2.11 -1.79
N GLY A 24 -5.75 -0.93 -2.31
CA GLY A 24 -5.12 0.18 -1.58
C GLY A 24 -4.78 1.35 -2.51
N LYS A 25 -4.62 2.55 -1.96
CA LYS A 25 -4.38 3.79 -2.71
C LYS A 25 -3.43 4.73 -1.94
N CYS A 26 -2.62 5.51 -2.65
CA CYS A 26 -1.76 6.54 -2.05
C CYS A 26 -2.45 7.91 -1.99
N MET A 27 -2.26 8.66 -0.90
CA MET A 27 -2.85 10.00 -0.72
C MET A 27 -1.92 11.09 -1.29
N ASN A 28 -0.69 11.19 -0.79
CA ASN A 28 0.37 11.99 -1.39
C ASN A 28 1.61 11.12 -1.68
N ARG A 29 2.33 10.68 -0.64
CA ARG A 29 3.43 9.70 -0.74
C ARG A 29 3.31 8.51 0.21
N LYS A 30 2.34 8.51 1.13
CA LYS A 30 1.98 7.35 1.96
C LYS A 30 0.68 6.70 1.49
N CYS A 31 0.52 5.45 1.88
CA CYS A 31 -0.49 4.50 1.40
C CYS A 31 -1.56 4.20 2.45
N LYS A 32 -2.81 4.10 2.01
CA LYS A 32 -3.97 3.59 2.76
C LYS A 32 -4.41 2.29 2.11
N CYS A 33 -4.28 1.19 2.84
CA CYS A 33 -4.67 -0.14 2.36
C CYS A 33 -6.15 -0.42 2.67
N TYR A 34 -6.83 -1.12 1.76
CA TYR A 34 -8.27 -1.38 1.80
C TYR A 34 -8.60 -2.87 1.90
N TYR A 35 -9.65 -3.18 2.66
CA TYR A 35 -10.17 -4.51 2.95
C TYR A 35 -9.11 -5.51 3.51
N CYS A 36 -8.01 -4.98 4.06
CA CYS A 36 -6.81 -5.73 4.45
C CYS A 36 -5.84 -4.90 5.32
N ALA A 1 -4.89 -1.81 6.60
CA ALA A 1 -4.00 -0.64 6.78
C ALA A 1 -2.55 -1.05 7.00
N ALA A 2 -1.59 -0.37 6.35
CA ALA A 2 -0.16 -0.51 6.61
C ALA A 2 0.55 0.74 6.06
N ALA A 3 1.19 1.53 6.91
CA ALA A 3 1.87 2.74 6.44
C ALA A 3 3.21 2.39 5.79
N ILE A 4 3.20 2.50 4.47
CA ILE A 4 4.33 2.24 3.57
C ILE A 4 4.52 3.38 2.57
N SER A 5 5.72 3.50 2.01
CA SER A 5 6.02 4.42 0.91
C SER A 5 5.30 3.99 -0.37
N CYS A 6 4.37 4.82 -0.84
CA CYS A 6 3.75 4.67 -2.16
C CYS A 6 4.77 4.88 -3.29
N VAL A 7 5.74 5.77 -3.06
CA VAL A 7 6.87 6.13 -3.96
C VAL A 7 7.90 5.03 -4.21
N GLY A 8 7.77 3.89 -3.53
CA GLY A 8 8.76 2.81 -3.54
C GLY A 8 9.06 2.29 -4.93
N SER A 9 8.18 1.41 -5.42
CA SER A 9 8.21 0.89 -6.80
C SER A 9 6.77 0.61 -7.26
N PRO A 10 6.07 -0.41 -6.72
CA PRO A 10 4.63 -0.57 -6.91
C PRO A 10 3.88 0.48 -6.05
N GLU A 11 2.57 0.62 -6.23
CA GLU A 11 1.77 1.61 -5.51
C GLU A 11 1.48 1.17 -4.06
N CYS A 12 0.54 0.23 -3.88
CA CYS A 12 -0.02 -0.09 -2.57
C CYS A 12 -0.23 -1.59 -2.30
N PRO A 13 -1.26 -2.27 -2.86
CA PRO A 13 -1.66 -3.61 -2.45
C PRO A 13 -0.55 -4.67 -2.38
N PRO A 14 0.37 -4.79 -3.35
CA PRO A 14 1.44 -5.80 -3.29
C PRO A 14 2.57 -5.43 -2.32
N LYS A 15 2.67 -4.17 -1.87
CA LYS A 15 3.70 -3.70 -0.92
C LYS A 15 3.22 -3.72 0.54
N CYS A 16 1.92 -3.54 0.78
CA CYS A 16 1.33 -3.37 2.12
C CYS A 16 1.60 -4.53 3.11
N ARG A 17 1.73 -5.77 2.64
CA ARG A 17 2.20 -6.92 3.43
C ARG A 17 2.95 -7.94 2.57
N ALA A 18 3.64 -8.89 3.20
CA ALA A 18 4.55 -9.82 2.55
C ALA A 18 3.89 -10.70 1.47
N GLN A 19 2.64 -11.13 1.68
CA GLN A 19 1.81 -11.84 0.69
C GLN A 19 0.77 -10.94 -0.03
N GLY A 20 0.89 -9.62 0.16
CA GLY A 20 0.05 -8.56 -0.39
C GLY A 20 -1.42 -8.52 0.07
N CYS A 21 -2.07 -7.42 -0.29
CA CYS A 21 -3.40 -7.01 0.13
C CYS A 21 -4.37 -6.81 -1.05
N LYS A 22 -5.68 -6.73 -0.75
CA LYS A 22 -6.78 -6.65 -1.72
C LYS A 22 -6.80 -5.35 -2.56
N ASN A 23 -6.66 -4.19 -1.93
CA ASN A 23 -6.71 -2.85 -2.57
C ASN A 23 -5.94 -1.80 -1.74
N GLY A 24 -5.55 -0.71 -2.40
CA GLY A 24 -4.94 0.45 -1.76
C GLY A 24 -4.62 1.62 -2.70
N LYS A 25 -4.55 2.83 -2.14
CA LYS A 25 -4.30 4.11 -2.87
C LYS A 25 -3.28 4.98 -2.13
N CYS A 26 -2.55 5.83 -2.86
CA CYS A 26 -1.68 6.84 -2.24
C CYS A 26 -2.50 7.97 -1.58
N MET A 27 -1.98 8.57 -0.52
CA MET A 27 -2.54 9.80 0.09
C MET A 27 -1.61 11.00 -0.12
N ASN A 28 -0.31 10.71 -0.18
CA ASN A 28 0.81 11.57 -0.53
C ASN A 28 1.92 10.59 -0.96
N ARG A 29 3.17 10.77 -0.53
CA ARG A 29 4.22 9.74 -0.67
C ARG A 29 3.92 8.46 0.11
N LYS A 30 3.04 8.48 1.12
CA LYS A 30 2.53 7.32 1.87
C LYS A 30 1.25 6.74 1.25
N CYS A 31 1.07 5.46 1.51
CA CYS A 31 -0.03 4.64 1.03
C CYS A 31 -1.11 4.38 2.10
N LYS A 32 -2.34 4.11 1.67
CA LYS A 32 -3.46 3.59 2.47
C LYS A 32 -3.95 2.28 1.85
N CYS A 33 -4.01 1.20 2.65
CA CYS A 33 -4.55 -0.11 2.24
C CYS A 33 -5.84 -0.42 3.03
N TYR A 34 -6.92 -0.73 2.31
CA TYR A 34 -8.29 -0.77 2.87
C TYR A 34 -8.76 -2.12 3.42
N TYR A 35 -9.02 -3.10 2.54
CA TYR A 35 -9.70 -4.37 2.86
C TYR A 35 -8.75 -5.51 3.29
N CYS A 36 -7.65 -5.14 3.95
CA CYS A 36 -6.57 -6.02 4.39
C CYS A 36 -5.68 -5.28 5.40
N ALA A 1 -0.89 -4.78 7.70
CA ALA A 1 -0.53 -3.62 6.84
C ALA A 1 -0.23 -2.38 7.70
N ALA A 2 0.35 -1.34 7.09
CA ALA A 2 0.65 -0.05 7.72
C ALA A 2 0.65 1.06 6.65
N ALA A 3 0.82 2.33 7.05
CA ALA A 3 1.04 3.40 6.08
C ALA A 3 2.50 3.43 5.62
N ILE A 4 2.69 3.10 4.35
CA ILE A 4 3.96 2.85 3.67
C ILE A 4 4.39 4.02 2.80
N SER A 5 5.65 4.01 2.36
CA SER A 5 6.12 4.92 1.31
C SER A 5 5.47 4.52 -0.02
N CYS A 6 4.58 5.36 -0.55
CA CYS A 6 3.90 5.09 -1.82
C CYS A 6 4.89 4.94 -3.00
N VAL A 7 5.86 5.85 -3.15
CA VAL A 7 6.75 5.83 -4.33
C VAL A 7 7.64 4.60 -4.41
N GLY A 8 8.12 4.15 -3.23
CA GLY A 8 8.82 2.89 -2.95
C GLY A 8 9.40 2.19 -4.17
N SER A 9 8.65 1.19 -4.63
CA SER A 9 8.86 0.52 -5.91
C SER A 9 7.50 0.32 -6.60
N PRO A 10 6.57 -0.49 -6.07
CA PRO A 10 5.17 -0.51 -6.51
C PRO A 10 4.40 0.67 -5.89
N GLU A 11 3.12 0.82 -6.20
CA GLU A 11 2.21 1.77 -5.59
C GLU A 11 1.74 1.35 -4.17
N CYS A 12 0.77 0.44 -4.07
CA CYS A 12 0.03 0.17 -2.82
C CYS A 12 -0.12 -1.31 -2.44
N PRO A 13 -1.05 -2.11 -3.02
CA PRO A 13 -1.40 -3.43 -2.51
C PRO A 13 -0.26 -4.45 -2.31
N PRO A 14 0.77 -4.58 -3.18
CA PRO A 14 1.85 -5.55 -2.98
C PRO A 14 2.89 -5.10 -1.93
N LYS A 15 2.82 -3.84 -1.48
CA LYS A 15 3.64 -3.24 -0.40
C LYS A 15 2.86 -3.09 0.92
N CYS A 16 1.53 -2.98 0.85
CA CYS A 16 0.64 -2.98 2.02
C CYS A 16 0.87 -4.19 2.94
N ARG A 17 1.19 -5.38 2.37
CA ARG A 17 1.65 -6.56 3.11
C ARG A 17 2.50 -7.48 2.23
N ALA A 18 3.20 -8.42 2.85
CA ALA A 18 4.18 -9.31 2.23
C ALA A 18 3.60 -10.19 1.12
N GLN A 19 2.44 -10.80 1.39
CA GLN A 19 1.65 -11.65 0.48
C GLN A 19 0.68 -10.85 -0.43
N GLY A 20 0.74 -9.52 -0.37
CA GLY A 20 -0.09 -8.57 -1.10
C GLY A 20 -1.55 -8.49 -0.62
N CYS A 21 -2.05 -7.26 -0.56
CA CYS A 21 -3.35 -6.86 -0.02
C CYS A 21 -4.47 -7.00 -1.07
N LYS A 22 -5.72 -6.96 -0.60
CA LYS A 22 -6.93 -7.04 -1.44
C LYS A 22 -7.05 -5.84 -2.39
N ASN A 23 -6.92 -4.61 -1.84
CA ASN A 23 -6.83 -3.36 -2.61
C ASN A 23 -6.14 -2.26 -1.75
N GLY A 24 -5.79 -1.13 -2.37
CA GLY A 24 -5.11 0.00 -1.71
C GLY A 24 -4.97 1.24 -2.60
N LYS A 25 -5.06 2.44 -1.98
CA LYS A 25 -5.10 3.76 -2.63
C LYS A 25 -4.03 4.71 -2.06
N CYS A 26 -3.30 5.42 -2.93
CA CYS A 26 -2.18 6.30 -2.58
C CYS A 26 -2.54 7.79 -2.53
N MET A 27 -1.90 8.54 -1.63
CA MET A 27 -2.00 9.99 -1.45
C MET A 27 -0.61 10.61 -1.20
N ASN A 28 -0.12 11.39 -2.17
CA ASN A 28 1.21 12.00 -2.31
C ASN A 28 2.38 11.03 -2.07
N ARG A 29 2.65 10.68 -0.81
CA ARG A 29 3.78 9.81 -0.40
C ARG A 29 3.34 8.60 0.40
N LYS A 30 2.05 8.48 0.73
CA LYS A 30 1.52 7.48 1.67
C LYS A 30 0.38 6.68 1.02
N CYS A 31 -0.06 5.61 1.69
CA CYS A 31 -1.06 4.69 1.16
C CYS A 31 -2.08 4.28 2.23
N LYS A 32 -3.36 4.29 1.86
CA LYS A 32 -4.48 3.72 2.60
C LYS A 32 -4.73 2.32 2.04
N CYS A 33 -4.35 1.30 2.81
CA CYS A 33 -4.69 -0.09 2.51
C CYS A 33 -6.18 -0.30 2.83
N TYR A 34 -6.89 -1.11 2.04
CA TYR A 34 -8.36 -1.18 2.14
C TYR A 34 -8.87 -2.24 3.14
N TYR A 35 -8.78 -3.53 2.79
CA TYR A 35 -9.44 -4.63 3.53
C TYR A 35 -8.51 -5.79 3.92
N CYS A 36 -7.24 -5.50 4.26
CA CYS A 36 -6.25 -6.49 4.68
C CYS A 36 -5.56 -6.13 6.01
N ALA A 1 -3.85 0.18 7.95
CA ALA A 1 -2.57 0.91 8.00
C ALA A 1 -2.26 1.62 6.66
N ALA A 2 -1.27 2.52 6.65
CA ALA A 2 -0.75 3.22 5.47
C ALA A 2 0.79 3.47 5.58
N ALA A 3 1.46 2.59 6.31
CA ALA A 3 2.82 2.68 6.84
C ALA A 3 3.97 2.49 5.82
N ILE A 4 3.76 2.85 4.56
CA ILE A 4 4.73 2.61 3.48
C ILE A 4 4.69 3.72 2.44
N SER A 5 5.83 3.90 1.77
CA SER A 5 6.02 4.91 0.74
C SER A 5 5.07 4.72 -0.44
N CYS A 6 4.30 5.77 -0.73
CA CYS A 6 3.46 5.93 -1.92
C CYS A 6 4.23 5.58 -3.20
N VAL A 7 5.47 6.05 -3.32
CA VAL A 7 6.38 5.61 -4.38
C VAL A 7 6.80 4.16 -4.14
N GLY A 8 7.54 3.89 -3.06
CA GLY A 8 7.91 2.53 -2.66
C GLY A 8 8.74 1.80 -3.72
N SER A 9 8.34 0.55 -3.98
CA SER A 9 8.88 -0.28 -5.06
C SER A 9 7.79 -0.54 -6.11
N PRO A 10 6.69 -1.26 -5.79
CA PRO A 10 5.50 -1.38 -6.63
C PRO A 10 4.53 -0.17 -6.46
N GLU A 11 3.27 -0.24 -6.91
CA GLU A 11 2.33 0.90 -6.83
C GLU A 11 1.70 1.08 -5.42
N CYS A 12 0.82 0.17 -4.95
CA CYS A 12 0.25 0.32 -3.58
C CYS A 12 -0.25 -0.97 -2.90
N PRO A 13 -1.23 -1.75 -3.42
CA PRO A 13 -1.71 -2.96 -2.73
C PRO A 13 -0.67 -4.08 -2.48
N PRO A 14 0.36 -4.35 -3.32
CA PRO A 14 1.23 -5.52 -3.14
C PRO A 14 2.22 -5.34 -1.98
N LYS A 15 2.69 -4.11 -1.77
CA LYS A 15 3.67 -3.73 -0.72
C LYS A 15 3.09 -3.75 0.70
N CYS A 16 1.77 -3.78 0.85
CA CYS A 16 1.07 -3.82 2.15
C CYS A 16 1.47 -4.99 3.06
N ARG A 17 1.73 -6.17 2.47
CA ARG A 17 1.90 -7.44 3.18
C ARG A 17 2.72 -8.45 2.36
N ALA A 18 2.96 -9.63 2.94
CA ALA A 18 3.83 -10.67 2.35
C ALA A 18 3.24 -11.36 1.11
N GLN A 19 1.91 -11.39 1.00
CA GLN A 19 1.13 -12.06 -0.07
C GLN A 19 0.28 -11.08 -0.92
N GLY A 20 0.43 -9.78 -0.63
CA GLY A 20 -0.28 -8.65 -1.25
C GLY A 20 -1.73 -8.46 -0.80
N CYS A 21 -2.27 -7.27 -1.06
CA CYS A 21 -3.60 -6.81 -0.64
C CYS A 21 -4.66 -6.81 -1.76
N LYS A 22 -5.94 -6.77 -1.35
CA LYS A 22 -7.12 -6.56 -2.20
C LYS A 22 -7.14 -5.19 -2.90
N ASN A 23 -6.94 -4.10 -2.14
CA ASN A 23 -6.90 -2.73 -2.67
C ASN A 23 -6.04 -1.85 -1.75
N GLY A 24 -5.55 -0.76 -2.33
CA GLY A 24 -4.72 0.26 -1.68
C GLY A 24 -4.53 1.52 -2.52
N LYS A 25 -4.43 2.69 -1.88
CA LYS A 25 -4.27 3.99 -2.53
C LYS A 25 -3.29 4.92 -1.79
N CYS A 26 -2.84 5.97 -2.46
CA CYS A 26 -1.94 6.98 -1.89
C CYS A 26 -2.62 8.35 -1.70
N MET A 27 -2.26 9.06 -0.62
CA MET A 27 -2.71 10.44 -0.35
C MET A 27 -1.68 11.47 -0.85
N ASN A 28 -0.40 11.32 -0.49
CA ASN A 28 0.75 12.04 -1.05
C ASN A 28 2.07 11.25 -0.98
N ARG A 29 2.37 10.62 0.17
CA ARG A 29 3.58 9.82 0.48
C ARG A 29 3.31 8.51 1.19
N LYS A 30 2.07 8.27 1.64
CA LYS A 30 1.69 7.15 2.50
C LYS A 30 0.68 6.28 1.76
N CYS A 31 0.85 4.96 1.79
CA CYS A 31 0.09 4.05 0.92
C CYS A 31 -0.83 3.15 1.73
N LYS A 32 -2.12 3.50 1.75
CA LYS A 32 -3.17 2.88 2.54
C LYS A 32 -3.49 1.47 2.08
N CYS A 33 -3.65 0.58 3.03
CA CYS A 33 -4.00 -0.83 2.87
C CYS A 33 -5.39 -1.04 3.50
N TYR A 34 -6.38 -1.41 2.69
CA TYR A 34 -7.80 -1.33 3.10
C TYR A 34 -8.40 -2.56 3.79
N TYR A 35 -8.34 -3.74 3.15
CA TYR A 35 -9.16 -4.92 3.50
C TYR A 35 -8.38 -6.23 3.72
N CYS A 36 -7.10 -6.13 4.09
CA CYS A 36 -6.16 -7.25 4.12
C CYS A 36 -5.35 -7.30 5.43
N ALA A 1 -3.86 -2.35 6.85
CA ALA A 1 -2.41 -2.11 6.71
C ALA A 1 -2.15 -0.88 5.86
N ALA A 2 -1.09 -0.12 6.15
CA ALA A 2 -0.82 1.19 5.57
C ALA A 2 0.64 1.62 5.80
N ALA A 3 0.89 2.93 5.91
CA ALA A 3 2.17 3.57 6.28
C ALA A 3 3.33 3.46 5.28
N ILE A 4 3.11 2.77 4.16
CA ILE A 4 4.17 2.40 3.24
C ILE A 4 4.58 3.57 2.36
N SER A 5 5.77 3.48 1.82
CA SER A 5 6.25 4.39 0.77
C SER A 5 5.40 4.23 -0.48
N CYS A 6 4.56 5.23 -0.76
CA CYS A 6 3.75 5.32 -1.97
C CYS A 6 4.60 5.43 -3.25
N VAL A 7 5.78 6.04 -3.22
CA VAL A 7 6.71 6.01 -4.38
C VAL A 7 7.31 4.63 -4.58
N GLY A 8 7.70 4.01 -3.46
CA GLY A 8 8.17 2.64 -3.32
C GLY A 8 8.87 2.05 -4.54
N SER A 9 8.20 1.04 -5.10
CA SER A 9 8.56 0.46 -6.40
C SER A 9 7.26 -0.06 -7.07
N PRO A 10 6.54 -1.03 -6.48
CA PRO A 10 5.16 -1.24 -6.86
C PRO A 10 4.35 -0.10 -6.20
N GLU A 11 3.10 0.10 -6.63
CA GLU A 11 2.27 1.19 -6.14
C GLU A 11 1.90 0.95 -4.67
N CYS A 12 0.93 0.08 -4.35
CA CYS A 12 0.44 -0.10 -2.98
C CYS A 12 0.02 -1.53 -2.59
N PRO A 13 -1.00 -2.17 -3.21
CA PRO A 13 -1.56 -3.44 -2.74
C PRO A 13 -0.55 -4.55 -2.41
N PRO A 14 0.43 -4.88 -3.30
CA PRO A 14 1.35 -5.99 -3.04
C PRO A 14 2.38 -5.66 -1.94
N LYS A 15 2.63 -4.36 -1.68
CA LYS A 15 3.63 -3.87 -0.71
C LYS A 15 3.08 -3.80 0.73
N CYS A 16 1.76 -3.67 0.91
CA CYS A 16 1.14 -3.53 2.24
C CYS A 16 1.47 -4.68 3.23
N ARG A 17 1.79 -5.88 2.73
CA ARG A 17 2.34 -7.02 3.50
C ARG A 17 3.14 -7.97 2.61
N ALA A 18 3.80 -8.98 3.17
CA ALA A 18 4.60 -9.97 2.45
C ALA A 18 3.85 -10.67 1.31
N GLN A 19 2.73 -11.33 1.59
CA GLN A 19 1.88 -11.99 0.57
C GLN A 19 1.03 -10.99 -0.25
N GLY A 20 0.99 -9.73 0.20
CA GLY A 20 0.24 -8.62 -0.36
C GLY A 20 -1.26 -8.60 -0.03
N CYS A 21 -1.89 -7.48 -0.38
CA CYS A 21 -3.25 -7.10 -0.03
C CYS A 21 -4.17 -6.84 -1.24
N LYS A 22 -5.49 -6.76 -0.95
CA LYS A 22 -6.59 -6.62 -1.92
C LYS A 22 -6.49 -5.36 -2.79
N ASN A 23 -6.67 -4.17 -2.18
CA ASN A 23 -6.61 -2.85 -2.84
C ASN A 23 -6.28 -1.74 -1.83
N GLY A 24 -5.96 -0.52 -2.30
CA GLY A 24 -5.61 0.63 -1.46
C GLY A 24 -5.69 2.01 -2.15
N LYS A 25 -5.18 3.02 -1.43
CA LYS A 25 -5.23 4.46 -1.79
C LYS A 25 -4.06 5.24 -1.18
N CYS A 26 -3.33 5.96 -2.03
CA CYS A 26 -2.27 6.91 -1.66
C CYS A 26 -2.81 8.33 -1.49
N MET A 27 -2.10 9.18 -0.75
CA MET A 27 -2.42 10.61 -0.58
C MET A 27 -1.21 11.54 -0.75
N ASN A 28 0.01 11.10 -0.39
CA ASN A 28 1.26 11.85 -0.54
C ASN A 28 2.43 10.85 -0.72
N ARG A 29 3.33 10.74 0.27
CA ARG A 29 4.33 9.68 0.40
C ARG A 29 3.73 8.40 0.96
N LYS A 30 2.52 8.47 1.53
CA LYS A 30 1.90 7.38 2.30
C LYS A 30 0.69 6.77 1.60
N CYS A 31 0.45 5.50 1.89
CA CYS A 31 -0.61 4.70 1.29
C CYS A 31 -1.27 3.75 2.30
N LYS A 32 -2.59 3.57 2.20
CA LYS A 32 -3.42 2.71 3.04
C LYS A 32 -4.12 1.64 2.17
N CYS A 33 -4.07 0.38 2.59
CA CYS A 33 -4.86 -0.71 2.00
C CYS A 33 -6.24 -0.76 2.68
N TYR A 34 -7.33 -0.85 1.91
CA TYR A 34 -8.70 -0.70 2.41
C TYR A 34 -9.24 -1.92 3.19
N TYR A 35 -8.94 -3.12 2.70
CA TYR A 35 -9.56 -4.38 3.14
C TYR A 35 -8.52 -5.49 3.44
N CYS A 36 -7.34 -5.10 3.94
CA CYS A 36 -6.24 -6.02 4.29
C CYS A 36 -5.17 -5.34 5.15
N ALA A 1 -3.26 -3.38 6.82
CA ALA A 1 -2.94 -1.97 6.57
C ALA A 1 -1.58 -1.66 7.18
N ALA A 2 -0.76 -0.82 6.54
CA ALA A 2 0.57 -0.44 7.02
C ALA A 2 0.99 0.89 6.37
N ALA A 3 1.68 1.75 7.11
CA ALA A 3 2.21 2.98 6.53
C ALA A 3 3.50 2.69 5.76
N ILE A 4 3.38 2.68 4.44
CA ILE A 4 4.47 2.38 3.49
C ILE A 4 4.74 3.55 2.56
N SER A 5 5.95 3.54 2.00
CA SER A 5 6.42 4.55 1.04
C SER A 5 5.77 4.34 -0.34
N CYS A 6 4.92 5.27 -0.76
CA CYS A 6 4.33 5.24 -2.10
C CYS A 6 5.37 5.40 -3.25
N VAL A 7 6.55 5.98 -2.97
CA VAL A 7 7.62 6.20 -3.97
C VAL A 7 8.38 4.96 -4.43
N GLY A 8 8.25 3.85 -3.71
CA GLY A 8 9.07 2.64 -3.85
C GLY A 8 9.20 2.07 -5.26
N SER A 9 8.31 1.15 -5.61
CA SER A 9 8.21 0.54 -6.94
C SER A 9 6.74 0.41 -7.34
N PRO A 10 5.95 -0.43 -6.64
CA PRO A 10 4.49 -0.41 -6.73
C PRO A 10 3.95 0.75 -5.87
N GLU A 11 2.65 1.05 -5.94
CA GLU A 11 2.05 2.12 -5.15
C GLU A 11 1.72 1.66 -3.72
N CYS A 12 0.70 0.81 -3.56
CA CYS A 12 0.09 0.49 -2.26
C CYS A 12 -0.28 -0.98 -2.01
N PRO A 13 -1.27 -1.60 -2.70
CA PRO A 13 -1.79 -2.91 -2.32
C PRO A 13 -0.77 -4.07 -2.22
N PRO A 14 0.20 -4.26 -3.15
CA PRO A 14 1.16 -5.35 -3.04
C PRO A 14 2.26 -5.07 -2.00
N LYS A 15 2.56 -3.80 -1.72
CA LYS A 15 3.59 -3.39 -0.74
C LYS A 15 3.07 -3.40 0.70
N CYS A 16 1.74 -3.47 0.91
CA CYS A 16 1.11 -3.33 2.23
C CYS A 16 1.50 -4.43 3.24
N ARG A 17 1.91 -5.61 2.78
CA ARG A 17 2.41 -6.76 3.56
C ARG A 17 3.19 -7.74 2.66
N ALA A 18 3.90 -8.70 3.23
CA ALA A 18 4.75 -9.66 2.51
C ALA A 18 4.03 -10.44 1.37
N GLN A 19 2.78 -10.84 1.60
CA GLN A 19 1.91 -11.52 0.62
C GLN A 19 0.95 -10.59 -0.15
N GLY A 20 1.06 -9.28 0.10
CA GLY A 20 0.19 -8.22 -0.40
C GLY A 20 -1.27 -8.28 0.07
N CYS A 21 -2.01 -7.23 -0.25
CA CYS A 21 -3.41 -7.00 0.15
C CYS A 21 -4.41 -6.96 -1.02
N LYS A 22 -5.71 -7.04 -0.69
CA LYS A 22 -6.83 -7.05 -1.65
C LYS A 22 -6.82 -5.84 -2.60
N ASN A 23 -6.96 -4.62 -2.04
CA ASN A 23 -6.84 -3.34 -2.77
C ASN A 23 -6.35 -2.22 -1.81
N GLY A 24 -5.98 -1.06 -2.34
CA GLY A 24 -5.49 0.10 -1.58
C GLY A 24 -5.13 1.28 -2.48
N LYS A 25 -4.98 2.47 -1.89
CA LYS A 25 -4.71 3.74 -2.58
C LYS A 25 -3.58 4.54 -1.92
N CYS A 26 -2.92 5.38 -2.70
CA CYS A 26 -1.86 6.30 -2.26
C CYS A 26 -2.34 7.76 -2.16
N MET A 27 -1.79 8.49 -1.19
CA MET A 27 -1.90 9.95 -1.03
C MET A 27 -0.49 10.53 -0.86
N ASN A 28 0.03 11.19 -1.90
CA ASN A 28 1.36 11.77 -2.08
C ASN A 28 2.53 10.81 -1.83
N ARG A 29 2.69 10.37 -0.59
CA ARG A 29 3.80 9.55 -0.07
C ARG A 29 3.34 8.32 0.70
N LYS A 30 2.07 8.24 1.11
CA LYS A 30 1.57 7.24 2.08
C LYS A 30 0.40 6.42 1.54
N CYS A 31 0.13 5.25 2.13
CA CYS A 31 -0.79 4.24 1.57
C CYS A 31 -1.89 3.78 2.56
N LYS A 32 -3.14 3.74 2.07
CA LYS A 32 -4.32 3.23 2.79
C LYS A 32 -4.82 1.95 2.12
N CYS A 33 -4.71 0.82 2.82
CA CYS A 33 -5.12 -0.50 2.33
C CYS A 33 -6.61 -0.72 2.64
N TYR A 34 -7.42 -0.93 1.60
CA TYR A 34 -8.89 -0.92 1.67
C TYR A 34 -9.48 -1.95 2.65
N TYR A 35 -9.22 -3.23 2.38
CA TYR A 35 -9.88 -4.38 3.01
C TYR A 35 -8.88 -5.41 3.60
N CYS A 36 -7.69 -4.93 4.00
CA CYS A 36 -6.53 -5.77 4.39
C CYS A 36 -5.48 -4.95 5.16
N ALA A 1 -2.88 -1.98 7.93
CA ALA A 1 -2.24 -0.83 7.27
C ALA A 1 -0.73 -1.04 7.08
N ALA A 2 -0.04 -0.11 6.43
CA ALA A 2 1.42 -0.04 6.37
C ALA A 2 1.87 1.40 6.07
N ALA A 3 2.75 1.95 6.92
CA ALA A 3 3.28 3.31 6.78
C ALA A 3 4.50 3.36 5.84
N ILE A 4 4.22 3.17 4.55
CA ILE A 4 5.21 3.05 3.47
C ILE A 4 4.95 4.10 2.40
N SER A 5 6.01 4.52 1.71
CA SER A 5 5.84 5.47 0.63
C SER A 5 5.12 4.83 -0.56
N CYS A 6 4.13 5.56 -1.05
CA CYS A 6 3.45 5.30 -2.31
C CYS A 6 4.46 5.11 -3.46
N VAL A 7 5.59 5.84 -3.44
CA VAL A 7 6.71 5.66 -4.38
C VAL A 7 7.23 4.22 -4.33
N GLY A 8 7.67 3.75 -3.15
CA GLY A 8 8.18 2.41 -2.87
C GLY A 8 8.92 1.72 -4.01
N SER A 9 8.42 0.53 -4.37
CA SER A 9 8.82 -0.20 -5.59
C SER A 9 7.59 -0.40 -6.50
N PRO A 10 6.53 -1.12 -6.05
CA PRO A 10 5.20 -1.16 -6.68
C PRO A 10 4.40 0.10 -6.27
N GLU A 11 3.08 0.17 -6.49
CA GLU A 11 2.28 1.37 -6.14
C GLU A 11 1.74 1.34 -4.70
N CYS A 12 0.89 0.39 -4.29
CA CYS A 12 0.39 0.34 -2.90
C CYS A 12 -0.07 -1.06 -2.41
N PRO A 13 -1.05 -1.76 -3.04
CA PRO A 13 -1.58 -3.00 -2.49
C PRO A 13 -0.54 -4.13 -2.22
N PRO A 14 0.48 -4.38 -3.05
CA PRO A 14 1.35 -5.55 -2.87
C PRO A 14 2.38 -5.39 -1.74
N LYS A 15 2.72 -4.14 -1.38
CA LYS A 15 3.77 -3.80 -0.39
C LYS A 15 3.27 -3.79 1.06
N CYS A 16 1.95 -3.71 1.29
CA CYS A 16 1.33 -3.63 2.62
C CYS A 16 1.62 -4.84 3.54
N ARG A 17 1.79 -6.04 2.99
CA ARG A 17 2.15 -7.30 3.68
C ARG A 17 2.84 -8.27 2.71
N ALA A 18 3.42 -9.36 3.22
CA ALA A 18 4.21 -10.31 2.43
C ALA A 18 3.50 -10.83 1.16
N GLN A 19 2.28 -11.34 1.31
CA GLN A 19 1.40 -11.80 0.22
C GLN A 19 0.60 -10.68 -0.48
N GLY A 20 0.78 -9.44 -0.05
CA GLY A 20 0.01 -8.27 -0.48
C GLY A 20 -1.47 -8.26 -0.08
N CYS A 21 -2.08 -7.08 -0.24
CA CYS A 21 -3.47 -6.79 0.09
C CYS A 21 -4.40 -6.68 -1.12
N LYS A 22 -5.70 -6.93 -0.89
CA LYS A 22 -6.78 -6.89 -1.90
C LYS A 22 -6.81 -5.60 -2.75
N ASN A 23 -6.74 -4.44 -2.11
CA ASN A 23 -6.67 -3.12 -2.77
C ASN A 23 -5.98 -2.08 -1.86
N GLY A 24 -5.50 -0.99 -2.47
CA GLY A 24 -4.87 0.14 -1.77
C GLY A 24 -4.49 1.31 -2.69
N LYS A 25 -4.53 2.52 -2.13
CA LYS A 25 -4.38 3.82 -2.84
C LYS A 25 -3.65 4.86 -1.96
N CYS A 26 -3.40 6.05 -2.48
CA CYS A 26 -2.59 7.10 -1.84
C CYS A 26 -3.31 8.46 -1.75
N MET A 27 -2.75 9.38 -0.95
CA MET A 27 -3.21 10.77 -0.76
C MET A 27 -2.03 11.78 -0.74
N ASN A 28 -1.02 11.49 0.09
CA ASN A 28 0.12 12.35 0.42
C ASN A 28 1.42 11.51 0.35
N ARG A 29 1.67 10.92 -0.83
CA ARG A 29 2.70 9.91 -1.14
C ARG A 29 2.94 8.81 -0.09
N LYS A 30 1.88 8.39 0.61
CA LYS A 30 1.83 7.28 1.59
C LYS A 30 0.74 6.26 1.23
N CYS A 31 0.93 4.99 1.55
CA CYS A 31 0.02 3.92 1.10
C CYS A 31 -1.07 3.58 2.13
N LYS A 32 -2.31 3.55 1.66
CA LYS A 32 -3.49 3.13 2.42
C LYS A 32 -4.12 1.89 1.80
N CYS A 33 -3.92 0.73 2.42
CA CYS A 33 -4.61 -0.52 2.06
C CYS A 33 -6.02 -0.55 2.67
N TYR A 34 -7.01 -0.98 1.87
CA TYR A 34 -8.44 -0.79 2.18
C TYR A 34 -9.19 -2.01 2.77
N TYR A 35 -9.08 -3.19 2.14
CA TYR A 35 -9.95 -4.36 2.38
C TYR A 35 -9.26 -5.63 2.92
N CYS A 36 -8.13 -5.52 3.60
CA CYS A 36 -7.29 -6.65 3.99
C CYS A 36 -6.96 -6.69 5.50
N ALA A 1 -3.27 -3.48 7.54
CA ALA A 1 -2.93 -2.28 6.76
C ALA A 1 -1.48 -1.84 7.04
N ALA A 2 -0.87 -1.00 6.19
CA ALA A 2 0.48 -0.51 6.37
C ALA A 2 0.69 0.86 5.69
N ALA A 3 1.18 1.85 6.44
CA ALA A 3 1.38 3.22 6.00
C ALA A 3 2.75 3.42 5.31
N ILE A 4 2.95 2.71 4.22
CA ILE A 4 4.24 2.54 3.54
C ILE A 4 4.51 3.64 2.52
N SER A 5 5.79 3.82 2.23
CA SER A 5 6.30 4.66 1.15
C SER A 5 5.74 4.20 -0.21
N CYS A 6 4.78 4.94 -0.76
CA CYS A 6 4.21 4.72 -2.10
C CYS A 6 5.24 4.83 -3.25
N VAL A 7 6.35 5.54 -3.01
CA VAL A 7 7.42 5.81 -4.01
C VAL A 7 8.35 4.66 -4.34
N GLY A 8 8.43 3.65 -3.48
CA GLY A 8 9.42 2.58 -3.50
C GLY A 8 9.70 1.94 -4.87
N SER A 9 8.80 1.06 -5.30
CA SER A 9 8.81 0.42 -6.62
C SER A 9 7.36 0.24 -7.09
N PRO A 10 6.51 -0.55 -6.40
CA PRO A 10 5.06 -0.52 -6.60
C PRO A 10 4.48 0.66 -5.80
N GLU A 11 3.19 0.96 -5.98
CA GLU A 11 2.49 1.94 -5.18
C GLU A 11 2.09 1.40 -3.80
N CYS A 12 0.94 0.72 -3.70
CA CYS A 12 0.31 0.43 -2.42
C CYS A 12 0.03 -1.07 -2.13
N PRO A 13 -0.96 -1.73 -2.77
CA PRO A 13 -1.41 -3.05 -2.36
C PRO A 13 -0.34 -4.16 -2.24
N PRO A 14 0.65 -4.32 -3.14
CA PRO A 14 1.64 -5.40 -3.06
C PRO A 14 2.77 -5.13 -2.05
N LYS A 15 2.93 -3.88 -1.58
CA LYS A 15 3.94 -3.50 -0.56
C LYS A 15 3.35 -3.45 0.87
N CYS A 16 2.03 -3.53 0.98
CA CYS A 16 1.27 -3.33 2.21
C CYS A 16 1.27 -4.54 3.17
N ARG A 17 1.66 -5.73 2.69
CA ARG A 17 1.82 -6.98 3.45
C ARG A 17 2.73 -7.98 2.72
N ALA A 18 2.95 -9.15 3.31
CA ALA A 18 3.92 -10.16 2.86
C ALA A 18 3.84 -10.55 1.36
N GLN A 19 2.63 -10.80 0.85
CA GLN A 19 2.37 -11.21 -0.54
C GLN A 19 1.52 -10.20 -1.35
N GLY A 20 0.57 -9.52 -0.70
CA GLY A 20 -0.25 -8.46 -1.30
C GLY A 20 -1.65 -8.32 -0.69
N CYS A 21 -2.07 -7.07 -0.50
CA CYS A 21 -3.33 -6.67 0.11
C CYS A 21 -4.56 -6.97 -0.79
N LYS A 22 -5.76 -6.89 -0.20
CA LYS A 22 -7.02 -6.93 -0.93
C LYS A 22 -7.19 -5.75 -1.90
N ASN A 23 -7.15 -4.50 -1.42
CA ASN A 23 -7.11 -3.28 -2.25
C ASN A 23 -6.53 -2.09 -1.45
N GLY A 24 -6.15 -1.01 -2.13
CA GLY A 24 -5.56 0.21 -1.54
C GLY A 24 -5.30 1.32 -2.56
N LYS A 25 -4.99 2.53 -2.06
CA LYS A 25 -4.65 3.75 -2.83
C LYS A 25 -3.60 4.62 -2.12
N CYS A 26 -2.98 5.58 -2.81
CA CYS A 26 -2.08 6.58 -2.22
C CYS A 26 -2.67 8.01 -2.22
N MET A 27 -2.30 8.82 -1.22
CA MET A 27 -2.85 10.18 -1.01
C MET A 27 -1.81 11.29 -1.31
N ASN A 28 -0.63 11.23 -0.68
CA ASN A 28 0.50 12.16 -0.84
C ASN A 28 1.77 11.39 -1.24
N ARG A 29 2.41 10.68 -0.30
CA ARG A 29 3.49 9.72 -0.57
C ARG A 29 3.35 8.40 0.18
N LYS A 30 2.26 8.20 0.91
CA LYS A 30 1.94 6.96 1.61
C LYS A 30 0.74 6.23 1.01
N CYS A 31 0.65 4.97 1.35
CA CYS A 31 -0.36 4.01 0.96
C CYS A 31 -1.41 3.83 2.08
N LYS A 32 -2.69 3.84 1.71
CA LYS A 32 -3.84 3.55 2.53
C LYS A 32 -4.54 2.32 1.96
N CYS A 33 -4.38 1.19 2.63
CA CYS A 33 -5.04 -0.07 2.33
C CYS A 33 -6.48 -0.10 2.84
N TYR A 34 -7.36 -0.81 2.12
CA TYR A 34 -8.81 -0.78 2.34
C TYR A 34 -9.31 -1.95 3.21
N TYR A 35 -8.96 -3.19 2.86
CA TYR A 35 -9.56 -4.41 3.43
C TYR A 35 -8.56 -5.45 3.97
N CYS A 36 -7.34 -5.03 4.35
CA CYS A 36 -6.28 -5.90 4.86
C CYS A 36 -5.48 -5.30 6.03
N ALA A 1 -2.53 -2.33 7.53
CA ALA A 1 -2.05 -0.94 7.34
C ALA A 1 -0.53 -0.92 7.49
N ALA A 2 0.21 -0.14 6.71
CA ALA A 2 1.66 -0.03 6.82
C ALA A 2 2.07 1.39 6.44
N ALA A 3 2.93 2.01 7.25
CA ALA A 3 3.40 3.36 7.00
C ALA A 3 4.64 3.32 6.10
N ILE A 4 4.41 3.52 4.80
CA ILE A 4 5.40 3.32 3.76
C ILE A 4 5.40 4.49 2.77
N SER A 5 6.35 4.51 1.85
CA SER A 5 6.27 5.40 0.70
C SER A 5 5.44 4.73 -0.37
N CYS A 6 4.45 5.45 -0.89
CA CYS A 6 3.77 5.06 -2.12
C CYS A 6 4.75 4.93 -3.30
N VAL A 7 5.78 5.79 -3.34
CA VAL A 7 6.77 5.84 -4.44
C VAL A 7 7.56 4.54 -4.50
N GLY A 8 8.14 4.13 -3.37
CA GLY A 8 8.83 2.85 -3.13
C GLY A 8 9.36 2.17 -4.39
N SER A 9 8.64 1.12 -4.80
CA SER A 9 8.81 0.49 -6.11
C SER A 9 7.42 0.22 -6.72
N PRO A 10 6.58 -0.64 -6.11
CA PRO A 10 5.15 -0.72 -6.44
C PRO A 10 4.41 0.41 -5.71
N GLU A 11 3.12 0.63 -5.97
CA GLU A 11 2.36 1.72 -5.34
C GLU A 11 1.94 1.40 -3.88
N CYS A 12 0.95 0.54 -3.65
CA CYS A 12 0.36 0.39 -2.30
C CYS A 12 -0.03 -1.05 -1.90
N PRO A 13 -1.04 -1.72 -2.50
CA PRO A 13 -1.52 -3.03 -2.04
C PRO A 13 -0.45 -4.13 -1.88
N PRO A 14 0.54 -4.32 -2.79
CA PRO A 14 1.57 -5.34 -2.64
C PRO A 14 2.67 -4.95 -1.64
N LYS A 15 2.76 -3.68 -1.24
CA LYS A 15 3.74 -3.19 -0.24
C LYS A 15 3.17 -3.18 1.19
N CYS A 16 1.83 -3.16 1.33
CA CYS A 16 1.16 -3.13 2.64
C CYS A 16 1.21 -4.48 3.41
N ARG A 17 1.52 -5.59 2.72
CA ARG A 17 1.85 -6.92 3.28
C ARG A 17 2.55 -7.78 2.24
N ALA A 18 3.21 -8.84 2.70
CA ALA A 18 4.12 -9.67 1.92
C ALA A 18 3.46 -10.29 0.67
N GLN A 19 2.29 -10.90 0.86
CA GLN A 19 1.45 -11.59 -0.15
C GLN A 19 0.38 -10.70 -0.82
N GLY A 20 0.44 -9.40 -0.52
CA GLY A 20 -0.40 -8.34 -1.08
C GLY A 20 -1.83 -8.25 -0.52
N CYS A 21 -2.25 -7.01 -0.23
CA CYS A 21 -3.63 -6.68 0.10
C CYS A 21 -4.55 -6.83 -1.10
N LYS A 22 -5.83 -7.10 -0.85
CA LYS A 22 -6.87 -7.26 -1.89
C LYS A 22 -6.99 -6.03 -2.78
N ASN A 23 -6.93 -4.84 -2.19
CA ASN A 23 -6.77 -3.54 -2.87
C ASN A 23 -6.25 -2.46 -1.91
N GLY A 24 -5.80 -1.32 -2.45
CA GLY A 24 -5.35 -0.15 -1.72
C GLY A 24 -5.35 1.12 -2.59
N LYS A 25 -4.97 2.27 -2.02
CA LYS A 25 -4.91 3.56 -2.70
C LYS A 25 -3.71 4.40 -2.28
N CYS A 26 -3.11 5.13 -3.23
CA CYS A 26 -2.01 6.04 -2.98
C CYS A 26 -2.49 7.42 -2.50
N MET A 27 -1.98 7.84 -1.35
CA MET A 27 -2.15 9.14 -0.73
C MET A 27 -1.05 10.11 -1.22
N ASN A 28 -0.83 11.24 -0.55
CA ASN A 28 0.33 12.09 -0.78
C ASN A 28 1.58 11.37 -0.24
N ARG A 29 2.27 10.69 -1.16
CA ARG A 29 3.36 9.73 -0.97
C ARG A 29 3.22 8.65 0.14
N LYS A 30 1.99 8.29 0.54
CA LYS A 30 1.69 7.22 1.54
C LYS A 30 0.64 6.22 1.02
N CYS A 31 0.37 5.13 1.74
CA CYS A 31 -0.52 4.05 1.31
C CYS A 31 -1.72 3.84 2.25
N LYS A 32 -2.92 3.68 1.66
CA LYS A 32 -4.17 3.29 2.32
C LYS A 32 -4.56 1.85 1.93
N CYS A 33 -4.78 0.96 2.91
CA CYS A 33 -5.02 -0.47 2.69
C CYS A 33 -6.48 -0.81 3.05
N TYR A 34 -7.30 -1.13 2.04
CA TYR A 34 -8.76 -1.20 2.21
C TYR A 34 -9.31 -2.48 2.87
N TYR A 35 -9.53 -3.53 2.08
CA TYR A 35 -10.32 -4.72 2.46
C TYR A 35 -9.45 -5.84 3.07
N CYS A 36 -8.39 -5.47 3.79
CA CYS A 36 -7.33 -6.37 4.20
C CYS A 36 -6.77 -6.08 5.61
N ALA A 1 -4.07 -2.24 6.41
CA ALA A 1 -2.64 -1.92 6.47
C ALA A 1 -2.35 -0.62 5.74
N ALA A 2 -1.28 0.08 6.11
CA ALA A 2 -0.90 1.38 5.57
C ALA A 2 0.63 1.55 5.70
N ALA A 3 1.11 2.76 6.00
CA ALA A 3 2.49 3.06 6.43
C ALA A 3 3.65 2.80 5.45
N ILE A 4 3.36 2.41 4.22
CA ILE A 4 4.35 2.10 3.20
C ILE A 4 4.79 3.33 2.41
N SER A 5 5.85 3.16 1.62
CA SER A 5 6.25 4.13 0.61
C SER A 5 5.42 3.94 -0.67
N CYS A 6 4.46 4.83 -0.91
CA CYS A 6 3.73 4.92 -2.18
C CYS A 6 4.65 4.99 -3.42
N VAL A 7 5.87 5.55 -3.30
CA VAL A 7 6.85 5.62 -4.40
C VAL A 7 7.68 4.36 -4.62
N GLY A 8 7.69 3.45 -3.65
CA GLY A 8 8.60 2.30 -3.55
C GLY A 8 8.97 1.61 -4.86
N SER A 9 8.02 0.89 -5.44
CA SER A 9 8.18 0.28 -6.78
C SER A 9 6.81 -0.08 -7.38
N PRO A 10 6.02 -0.97 -6.75
CA PRO A 10 4.60 -1.11 -7.07
C PRO A 10 3.84 0.08 -6.45
N GLU A 11 2.53 0.16 -6.67
CA GLU A 11 1.66 1.10 -5.96
C GLU A 11 1.54 0.72 -4.46
N CYS A 12 0.55 -0.10 -4.08
CA CYS A 12 0.21 -0.33 -2.66
C CYS A 12 -0.20 -1.77 -2.27
N PRO A 13 -1.21 -2.43 -2.89
CA PRO A 13 -1.67 -3.77 -2.52
C PRO A 13 -0.56 -4.83 -2.32
N PRO A 14 0.47 -4.95 -3.19
CA PRO A 14 1.53 -5.94 -3.00
C PRO A 14 2.60 -5.50 -1.98
N LYS A 15 2.59 -4.23 -1.57
CA LYS A 15 3.57 -3.64 -0.63
C LYS A 15 3.03 -3.55 0.80
N CYS A 16 1.71 -3.46 0.99
CA CYS A 16 1.03 -3.35 2.29
C CYS A 16 1.36 -4.50 3.28
N ARG A 17 1.72 -5.69 2.77
CA ARG A 17 2.28 -6.82 3.53
C ARG A 17 3.25 -7.67 2.70
N ALA A 18 4.01 -8.53 3.36
CA ALA A 18 5.13 -9.32 2.81
C ALA A 18 4.76 -10.29 1.66
N GLN A 19 3.49 -10.68 1.58
CA GLN A 19 2.88 -11.58 0.59
C GLN A 19 1.79 -10.91 -0.28
N GLY A 20 1.62 -9.58 -0.12
CA GLY A 20 0.60 -8.76 -0.76
C GLY A 20 -0.84 -9.04 -0.29
N CYS A 21 -1.73 -8.08 -0.51
CA CYS A 21 -3.14 -8.16 -0.10
C CYS A 21 -4.05 -7.28 -0.98
N LYS A 22 -5.28 -7.03 -0.50
CA LYS A 22 -6.34 -6.28 -1.22
C LYS A 22 -6.01 -4.79 -1.46
N ASN A 23 -6.89 -4.13 -2.18
CA ASN A 23 -6.69 -2.80 -2.79
C ASN A 23 -6.47 -1.62 -1.83
N GLY A 24 -5.82 -0.55 -2.34
CA GLY A 24 -5.44 0.63 -1.56
C GLY A 24 -5.15 1.92 -2.34
N LYS A 25 -5.11 3.06 -1.64
CA LYS A 25 -5.06 4.43 -2.16
C LYS A 25 -3.99 5.31 -1.48
N CYS A 26 -3.30 6.12 -2.29
CA CYS A 26 -2.14 6.93 -1.90
C CYS A 26 -2.53 8.36 -1.41
N MET A 27 -1.65 9.00 -0.64
CA MET A 27 -1.82 10.37 -0.14
C MET A 27 -0.49 11.16 -0.24
N ASN A 28 -0.03 11.80 0.84
CA ASN A 28 1.26 12.51 0.95
C ASN A 28 2.42 11.49 1.05
N ARG A 29 2.75 10.86 -0.07
CA ARG A 29 3.61 9.69 -0.30
C ARG A 29 3.45 8.47 0.63
N LYS A 30 2.50 8.50 1.57
CA LYS A 30 2.02 7.34 2.34
C LYS A 30 0.88 6.66 1.55
N CYS A 31 0.46 5.46 1.94
CA CYS A 31 -0.65 4.74 1.30
C CYS A 31 -1.43 3.87 2.29
N LYS A 32 -2.73 3.67 2.04
CA LYS A 32 -3.69 2.93 2.86
C LYS A 32 -4.37 1.83 2.04
N CYS A 33 -4.32 0.58 2.49
CA CYS A 33 -5.08 -0.55 1.94
C CYS A 33 -6.45 -0.66 2.65
N TYR A 34 -7.54 -0.59 1.88
CA TYR A 34 -8.93 -0.46 2.38
C TYR A 34 -9.55 -1.77 2.88
N TYR A 35 -9.21 -2.89 2.22
CA TYR A 35 -9.85 -4.19 2.41
C TYR A 35 -8.92 -5.28 2.97
N CYS A 36 -7.71 -4.89 3.37
CA CYS A 36 -6.77 -5.73 4.12
C CYS A 36 -5.89 -4.90 5.08
N ALA A 1 1.82 -2.35 6.69
CA ALA A 1 1.59 -1.05 7.32
C ALA A 1 1.45 0.05 6.27
N ALA A 2 0.63 1.07 6.54
CA ALA A 2 0.41 2.21 5.65
C ALA A 2 1.58 3.21 5.58
N ALA A 3 2.36 3.29 6.67
CA ALA A 3 3.50 4.21 6.87
C ALA A 3 4.71 4.02 5.92
N ILE A 4 4.62 3.12 4.95
CA ILE A 4 5.63 2.90 3.93
C ILE A 4 5.63 4.04 2.93
N SER A 5 6.70 4.15 2.14
CA SER A 5 6.71 5.05 0.99
C SER A 5 5.76 4.53 -0.08
N CYS A 6 4.66 5.25 -0.32
CA CYS A 6 3.74 4.89 -1.40
C CYS A 6 4.37 5.10 -2.79
N VAL A 7 5.35 6.00 -2.94
CA VAL A 7 6.17 6.11 -4.16
C VAL A 7 6.97 4.82 -4.39
N GLY A 8 7.56 4.28 -3.31
CA GLY A 8 8.18 2.97 -3.18
C GLY A 8 8.68 2.33 -4.47
N SER A 9 8.04 1.21 -4.83
CA SER A 9 8.26 0.52 -6.12
C SER A 9 6.95 0.18 -6.86
N PRO A 10 6.06 -0.70 -6.34
CA PRO A 10 4.70 -0.87 -6.86
C PRO A 10 3.83 0.34 -6.48
N GLU A 11 2.51 0.33 -6.77
CA GLU A 11 1.58 1.33 -6.28
C GLU A 11 1.25 1.15 -4.79
N CYS A 12 0.53 0.10 -4.36
CA CYS A 12 0.15 -0.05 -2.93
C CYS A 12 -0.20 -1.48 -2.47
N PRO A 13 -1.21 -2.19 -3.00
CA PRO A 13 -1.67 -3.48 -2.44
C PRO A 13 -0.61 -4.58 -2.24
N PRO A 14 0.39 -4.79 -3.11
CA PRO A 14 1.42 -5.81 -2.89
C PRO A 14 2.47 -5.36 -1.85
N LYS A 15 2.57 -4.05 -1.56
CA LYS A 15 3.43 -3.52 -0.49
C LYS A 15 2.72 -3.32 0.86
N CYS A 16 1.39 -3.49 0.98
CA CYS A 16 0.67 -3.37 2.26
C CYS A 16 1.07 -4.43 3.31
N ARG A 17 1.48 -5.64 2.89
CA ARG A 17 1.91 -6.76 3.74
C ARG A 17 2.80 -7.76 3.01
N ALA A 18 3.43 -8.67 3.75
CA ALA A 18 4.47 -9.58 3.25
C ALA A 18 4.03 -10.56 2.13
N GLN A 19 2.73 -10.86 2.03
CA GLN A 19 2.10 -11.71 1.01
C GLN A 19 1.10 -10.98 0.10
N GLY A 20 1.00 -9.65 0.26
CA GLY A 20 0.08 -8.76 -0.45
C GLY A 20 -1.40 -8.80 -0.04
N CYS A 21 -2.08 -7.69 -0.31
CA CYS A 21 -3.48 -7.40 0.01
C CYS A 21 -4.36 -7.29 -1.25
N LYS A 22 -5.70 -7.23 -1.07
CA LYS A 22 -6.68 -7.15 -2.18
C LYS A 22 -6.50 -5.92 -3.07
N ASN A 23 -6.64 -4.72 -2.49
CA ASN A 23 -6.60 -3.43 -3.20
C ASN A 23 -6.14 -2.30 -2.26
N GLY A 24 -5.70 -1.18 -2.82
CA GLY A 24 -5.16 -0.03 -2.10
C GLY A 24 -4.66 1.10 -3.02
N LYS A 25 -4.50 2.29 -2.46
CA LYS A 25 -4.24 3.55 -3.21
C LYS A 25 -3.36 4.50 -2.38
N CYS A 26 -2.63 5.41 -3.01
CA CYS A 26 -1.83 6.40 -2.30
C CYS A 26 -2.68 7.56 -1.75
N MET A 27 -2.43 7.90 -0.49
CA MET A 27 -2.95 9.09 0.20
C MET A 27 -1.92 10.24 0.07
N ASN A 28 -1.56 10.94 1.16
CA ASN A 28 -0.43 11.87 1.16
C ASN A 28 0.90 11.08 1.24
N ARG A 29 1.26 10.44 0.12
CA ARG A 29 2.33 9.44 -0.11
C ARG A 29 2.45 8.29 0.91
N LYS A 30 1.41 8.03 1.70
CA LYS A 30 1.24 6.82 2.52
C LYS A 30 0.30 5.84 1.80
N CYS A 31 0.47 4.53 1.99
CA CYS A 31 -0.25 3.50 1.25
C CYS A 31 -1.53 3.06 1.99
N LYS A 32 -2.70 3.51 1.52
CA LYS A 32 -4.00 3.20 2.11
C LYS A 32 -4.54 1.92 1.48
N CYS A 33 -4.44 0.79 2.18
CA CYS A 33 -5.11 -0.43 1.75
C CYS A 33 -6.64 -0.32 2.00
N TYR A 34 -7.44 -0.89 1.09
CA TYR A 34 -8.89 -0.67 1.04
C TYR A 34 -9.71 -1.77 1.75
N TYR A 35 -9.35 -3.02 1.47
CA TYR A 35 -10.12 -4.23 1.83
C TYR A 35 -9.24 -5.33 2.45
N CYS A 36 -8.18 -4.97 3.17
CA CYS A 36 -7.22 -5.89 3.77
C CYS A 36 -6.43 -5.21 4.90
N ALA A 1 -2.26 -3.21 9.27
CA ALA A 1 -1.93 -2.30 8.15
C ALA A 1 -1.01 -1.17 8.63
N ALA A 2 -0.25 -0.58 7.71
CA ALA A 2 0.69 0.51 7.98
C ALA A 2 0.61 1.54 6.84
N ALA A 3 0.92 2.80 7.09
CA ALA A 3 1.06 3.75 5.99
C ALA A 3 2.42 3.54 5.32
N ILE A 4 2.40 2.96 4.14
CA ILE A 4 3.56 2.59 3.33
C ILE A 4 3.89 3.67 2.31
N SER A 5 5.13 3.69 1.85
CA SER A 5 5.57 4.59 0.77
C SER A 5 4.98 4.12 -0.56
N CYS A 6 3.94 4.80 -1.04
CA CYS A 6 3.32 4.59 -2.35
C CYS A 6 4.33 4.70 -3.50
N VAL A 7 5.36 5.53 -3.33
CA VAL A 7 6.48 5.73 -4.26
C VAL A 7 7.48 4.58 -4.34
N GLY A 8 7.52 3.72 -3.32
CA GLY A 8 8.55 2.71 -3.07
C GLY A 8 9.15 1.98 -4.28
N SER A 9 8.32 1.21 -4.98
CA SER A 9 8.64 0.60 -6.28
C SER A 9 7.31 0.28 -7.01
N PRO A 10 6.49 -0.65 -6.49
CA PRO A 10 5.10 -0.81 -6.93
C PRO A 10 4.25 0.32 -6.34
N GLU A 11 2.95 0.36 -6.64
CA GLU A 11 2.00 1.26 -5.98
C GLU A 11 1.76 0.84 -4.52
N CYS A 12 0.77 -0.01 -4.23
CA CYS A 12 0.36 -0.28 -2.83
C CYS A 12 0.02 -1.74 -2.47
N PRO A 13 -0.97 -2.41 -3.09
CA PRO A 13 -1.45 -3.73 -2.65
C PRO A 13 -0.36 -4.81 -2.42
N PRO A 14 0.68 -4.97 -3.27
CA PRO A 14 1.72 -5.98 -3.04
C PRO A 14 2.77 -5.55 -1.99
N LYS A 15 2.80 -4.26 -1.61
CA LYS A 15 3.69 -3.66 -0.60
C LYS A 15 3.02 -3.55 0.79
N CYS A 16 1.68 -3.53 0.85
CA CYS A 16 0.88 -3.45 2.09
C CYS A 16 1.23 -4.54 3.12
N ARG A 17 1.60 -5.73 2.64
CA ARG A 17 2.18 -6.84 3.40
C ARG A 17 3.02 -7.73 2.48
N ALA A 18 3.81 -8.63 3.05
CA ALA A 18 4.77 -9.45 2.33
C ALA A 18 4.15 -10.38 1.26
N GLN A 19 2.97 -10.93 1.54
CA GLN A 19 2.13 -11.75 0.65
C GLN A 19 1.06 -10.96 -0.13
N GLY A 20 0.97 -9.66 0.13
CA GLY A 20 0.07 -8.69 -0.50
C GLY A 20 -1.40 -8.75 -0.09
N CYS A 21 -2.08 -7.66 -0.42
CA CYS A 21 -3.46 -7.30 -0.05
C CYS A 21 -4.36 -7.05 -1.26
N LYS A 22 -5.69 -7.00 -1.03
CA LYS A 22 -6.71 -6.76 -2.05
C LYS A 22 -6.62 -5.40 -2.76
N ASN A 23 -6.61 -4.30 -1.99
CA ASN A 23 -6.75 -2.92 -2.51
C ASN A 23 -6.02 -1.88 -1.64
N GLY A 24 -5.67 -0.73 -2.22
CA GLY A 24 -5.09 0.43 -1.51
C GLY A 24 -5.00 1.71 -2.36
N LYS A 25 -5.12 2.88 -1.71
CA LYS A 25 -5.29 4.22 -2.32
C LYS A 25 -4.15 5.18 -1.91
N CYS A 26 -3.50 5.81 -2.88
CA CYS A 26 -2.31 6.64 -2.69
C CYS A 26 -2.61 8.04 -2.14
N MET A 27 -1.59 8.67 -1.55
CA MET A 27 -1.61 9.99 -0.88
C MET A 27 -0.36 10.79 -1.29
N ASN A 28 0.02 11.86 -0.58
CA ASN A 28 1.31 12.53 -0.74
C ASN A 28 2.37 11.54 -0.20
N ARG A 29 2.99 10.84 -1.15
CA ARG A 29 3.87 9.65 -1.08
C ARG A 29 3.52 8.50 -0.13
N LYS A 30 2.59 8.64 0.81
CA LYS A 30 2.02 7.54 1.59
C LYS A 30 0.89 6.84 0.85
N CYS A 31 0.34 5.78 1.45
CA CYS A 31 -0.83 5.06 0.96
C CYS A 31 -1.70 4.59 2.13
N LYS A 32 -2.96 4.26 1.85
CA LYS A 32 -3.85 3.55 2.78
C LYS A 32 -4.29 2.22 2.16
N CYS A 33 -4.01 1.12 2.84
CA CYS A 33 -4.44 -0.23 2.48
C CYS A 33 -5.88 -0.46 2.97
N TYR A 34 -6.75 -1.02 2.13
CA TYR A 34 -8.19 -1.08 2.39
C TYR A 34 -8.59 -2.39 3.07
N TYR A 35 -9.13 -3.35 2.32
CA TYR A 35 -9.78 -4.60 2.79
C TYR A 35 -8.84 -5.67 3.35
N CYS A 36 -7.66 -5.29 3.87
CA CYS A 36 -6.57 -6.16 4.32
C CYS A 36 -5.65 -5.46 5.33
N ALA A 1 -0.72 -3.30 6.59
CA ALA A 1 -0.02 -2.09 7.07
C ALA A 1 0.05 -1.04 5.97
N ALA A 2 -0.67 0.07 6.12
CA ALA A 2 -0.78 1.12 5.10
C ALA A 2 0.33 2.21 5.20
N ALA A 3 1.15 2.13 6.25
CA ALA A 3 2.35 2.91 6.58
C ALA A 3 3.51 2.91 5.56
N ILE A 4 3.28 2.34 4.38
CA ILE A 4 4.28 2.03 3.38
C ILE A 4 4.80 3.24 2.60
N SER A 5 5.93 3.03 1.94
CA SER A 5 6.49 3.97 0.96
C SER A 5 5.74 3.85 -0.37
N CYS A 6 4.74 4.71 -0.60
CA CYS A 6 4.00 4.80 -1.88
C CYS A 6 4.91 4.95 -3.11
N VAL A 7 6.04 5.66 -2.97
CA VAL A 7 7.05 5.89 -4.01
C VAL A 7 7.86 4.65 -4.42
N GLY A 8 7.89 3.65 -3.53
CA GLY A 8 8.76 2.47 -3.55
C GLY A 8 9.01 1.84 -4.91
N SER A 9 8.08 0.99 -5.36
CA SER A 9 8.13 0.43 -6.72
C SER A 9 6.73 0.16 -7.28
N PRO A 10 5.88 -0.67 -6.64
CA PRO A 10 4.46 -0.75 -6.96
C PRO A 10 3.70 0.40 -6.29
N GLU A 11 2.39 0.54 -6.53
CA GLU A 11 1.53 1.46 -5.80
C GLU A 11 1.38 1.03 -4.32
N CYS A 12 0.55 0.03 -4.02
CA CYS A 12 0.20 -0.30 -2.62
C CYS A 12 -0.23 -1.75 -2.32
N PRO A 13 -1.23 -2.37 -2.99
CA PRO A 13 -1.70 -3.73 -2.67
C PRO A 13 -0.61 -4.81 -2.49
N PRO A 14 0.43 -4.89 -3.35
CA PRO A 14 1.50 -5.88 -3.18
C PRO A 14 2.54 -5.49 -2.13
N LYS A 15 2.53 -4.23 -1.65
CA LYS A 15 3.47 -3.65 -0.67
C LYS A 15 2.87 -3.55 0.75
N CYS A 16 1.53 -3.46 0.87
CA CYS A 16 0.80 -3.24 2.14
C CYS A 16 1.02 -4.37 3.18
N ARG A 17 1.53 -5.54 2.74
CA ARG A 17 2.08 -6.60 3.58
C ARG A 17 3.16 -7.38 2.84
N ALA A 18 3.93 -8.18 3.58
CA ALA A 18 5.12 -8.87 3.10
C ALA A 18 4.86 -9.89 1.97
N GLN A 19 3.64 -10.42 1.89
CA GLN A 19 3.14 -11.36 0.87
C GLN A 19 2.07 -10.77 -0.08
N GLY A 20 1.77 -9.47 0.05
CA GLY A 20 0.76 -8.74 -0.71
C GLY A 20 -0.70 -9.13 -0.43
N CYS A 21 -1.62 -8.19 -0.69
CA CYS A 21 -3.04 -8.32 -0.34
C CYS A 21 -3.96 -7.46 -1.23
N LYS A 22 -5.17 -7.15 -0.71
CA LYS A 22 -6.29 -6.42 -1.32
C LYS A 22 -6.00 -4.94 -1.60
N ASN A 23 -6.93 -4.26 -2.28
CA ASN A 23 -6.70 -2.91 -2.84
C ASN A 23 -6.47 -1.80 -1.80
N GLY A 24 -5.72 -0.78 -2.24
CA GLY A 24 -5.32 0.38 -1.46
C GLY A 24 -4.78 1.52 -2.34
N LYS A 25 -4.99 2.78 -1.93
CA LYS A 25 -4.74 3.99 -2.73
C LYS A 25 -3.77 4.94 -2.03
N CYS A 26 -2.95 5.67 -2.79
CA CYS A 26 -1.96 6.58 -2.21
C CYS A 26 -2.57 7.93 -1.77
N MET A 27 -2.12 8.43 -0.62
CA MET A 27 -2.48 9.71 -0.02
C MET A 27 -1.46 10.77 -0.48
N ASN A 28 -0.49 11.13 0.36
CA ASN A 28 0.68 11.93 0.01
C ASN A 28 1.82 11.04 -0.52
N ARG A 29 2.57 10.40 0.39
CA ARG A 29 3.55 9.33 0.14
C ARG A 29 3.28 8.08 1.00
N LYS A 30 2.19 8.08 1.78
CA LYS A 30 1.63 6.93 2.50
C LYS A 30 0.44 6.34 1.72
N CYS A 31 -0.05 5.17 2.12
CA CYS A 31 -1.23 4.53 1.52
C CYS A 31 -2.44 4.50 2.47
N LYS A 32 -3.64 4.27 1.92
CA LYS A 32 -4.87 3.91 2.59
C LYS A 32 -5.24 2.52 2.05
N CYS A 33 -5.04 1.46 2.84
CA CYS A 33 -5.44 0.11 2.44
C CYS A 33 -6.93 -0.09 2.76
N TYR A 34 -7.76 -0.38 1.75
CA TYR A 34 -9.23 -0.38 1.89
C TYR A 34 -9.78 -1.69 2.47
N TYR A 35 -9.19 -2.83 2.05
CA TYR A 35 -9.71 -4.16 2.40
C TYR A 35 -8.66 -5.12 3.00
N CYS A 36 -7.42 -4.66 3.16
CA CYS A 36 -6.31 -5.37 3.81
C CYS A 36 -5.84 -4.65 5.09
N ALA A 1 -2.18 -3.94 6.16
CA ALA A 1 -1.87 -2.51 5.97
C ALA A 1 -0.65 -2.13 6.80
N ALA A 2 0.23 -1.24 6.31
CA ALA A 2 1.39 -0.75 7.04
C ALA A 2 1.83 0.62 6.48
N ALA A 3 2.40 1.48 7.31
CA ALA A 3 2.91 2.78 6.88
C ALA A 3 4.12 2.66 5.95
N ILE A 4 3.93 2.90 4.64
CA ILE A 4 5.00 2.78 3.63
C ILE A 4 4.88 3.83 2.52
N SER A 5 5.99 4.00 1.80
CA SER A 5 6.08 4.88 0.63
C SER A 5 5.20 4.45 -0.55
N CYS A 6 4.26 5.33 -0.90
CA CYS A 6 3.44 5.28 -2.11
C CYS A 6 4.24 4.94 -3.38
N VAL A 7 5.41 5.55 -3.54
CA VAL A 7 6.32 5.30 -4.67
C VAL A 7 6.92 3.91 -4.55
N GLY A 8 7.71 3.65 -3.51
CA GLY A 8 8.33 2.34 -3.23
C GLY A 8 8.89 1.62 -4.45
N SER A 9 8.36 0.42 -4.72
CA SER A 9 8.64 -0.34 -5.95
C SER A 9 7.37 -0.64 -6.77
N PRO A 10 6.38 -1.38 -6.23
CA PRO A 10 5.05 -1.51 -6.82
C PRO A 10 4.16 -0.30 -6.48
N GLU A 11 2.87 -0.33 -6.81
CA GLU A 11 1.92 0.76 -6.51
C GLU A 11 1.53 0.84 -5.02
N CYS A 12 0.63 -0.02 -4.49
CA CYS A 12 0.26 0.03 -3.06
C CYS A 12 -0.23 -1.32 -2.47
N PRO A 13 -1.31 -1.94 -2.96
CA PRO A 13 -1.83 -3.18 -2.36
C PRO A 13 -0.87 -4.38 -2.34
N PRO A 14 0.12 -4.55 -3.25
CA PRO A 14 1.07 -5.65 -3.15
C PRO A 14 2.24 -5.35 -2.19
N LYS A 15 2.34 -4.12 -1.66
CA LYS A 15 3.29 -3.72 -0.60
C LYS A 15 2.64 -3.48 0.77
N CYS A 16 1.31 -3.37 0.85
CA CYS A 16 0.56 -3.07 2.08
C CYS A 16 0.62 -4.16 3.17
N ARG A 17 1.16 -5.34 2.83
CA ARG A 17 1.58 -6.44 3.71
C ARG A 17 2.93 -6.99 3.24
N ALA A 18 3.61 -7.77 4.07
CA ALA A 18 4.85 -8.45 3.74
C ALA A 18 4.80 -9.30 2.44
N GLN A 19 3.61 -9.73 2.01
CA GLN A 19 3.35 -10.46 0.76
C GLN A 19 2.20 -9.86 -0.10
N GLY A 20 1.55 -8.80 0.39
CA GLY A 20 0.41 -8.09 -0.21
C GLY A 20 -0.95 -8.80 -0.17
N CYS A 21 -2.00 -8.04 -0.53
CA CYS A 21 -3.43 -8.38 -0.37
C CYS A 21 -4.33 -7.45 -1.22
N LYS A 22 -5.57 -7.20 -0.80
CA LYS A 22 -6.62 -6.43 -1.50
C LYS A 22 -6.30 -4.93 -1.65
N ASN A 23 -7.20 -4.21 -2.33
CA ASN A 23 -7.07 -2.84 -2.86
C ASN A 23 -6.47 -1.80 -1.89
N GLY A 24 -5.73 -0.85 -2.45
CA GLY A 24 -5.21 0.35 -1.77
C GLY A 24 -4.83 1.48 -2.74
N LYS A 25 -4.65 2.67 -2.20
CA LYS A 25 -4.40 3.93 -2.92
C LYS A 25 -3.39 4.81 -2.15
N CYS A 26 -2.85 5.82 -2.83
CA CYS A 26 -1.97 6.81 -2.21
C CYS A 26 -2.71 8.09 -1.77
N MET A 27 -2.34 8.60 -0.58
CA MET A 27 -2.73 9.92 -0.10
C MET A 27 -1.59 10.52 0.73
N ASN A 28 -1.18 11.75 0.42
CA ASN A 28 0.01 12.40 0.99
C ASN A 28 1.27 11.51 0.90
N ARG A 29 1.43 10.83 -0.25
CA ARG A 29 2.41 9.79 -0.59
C ARG A 29 2.62 8.63 0.40
N LYS A 30 1.62 8.32 1.22
CA LYS A 30 1.53 7.08 2.02
C LYS A 30 0.57 6.11 1.34
N CYS A 31 0.86 4.81 1.42
CA CYS A 31 0.02 3.74 0.86
C CYS A 31 -1.08 3.35 1.87
N LYS A 32 -2.31 3.79 1.62
CA LYS A 32 -3.49 3.43 2.41
C LYS A 32 -4.14 2.18 1.83
N CYS A 33 -4.24 1.12 2.63
CA CYS A 33 -4.91 -0.12 2.21
C CYS A 33 -6.39 -0.07 2.63
N TYR A 34 -7.29 -0.35 1.69
CA TYR A 34 -8.73 -0.15 1.87
C TYR A 34 -9.42 -1.37 2.48
N TYR A 35 -9.12 -2.56 1.94
CA TYR A 35 -9.81 -3.83 2.25
C TYR A 35 -8.87 -4.95 2.73
N CYS A 36 -7.61 -4.62 3.04
CA CYS A 36 -6.66 -5.50 3.72
C CYS A 36 -5.57 -4.72 4.50
#